data_2ARK
#
_entry.id   2ARK
#
_cell.length_a   112.846
_cell.length_b   112.846
_cell.length_c   150.648
_cell.angle_alpha   90.00
_cell.angle_beta   90.00
_cell.angle_gamma   120.00
#
_symmetry.space_group_name_H-M   'P 32 2 1'
#
loop_
_entity.id
_entity.type
_entity.pdbx_description
1 polymer Flavodoxin
2 non-polymer 'PHOSPHATE ION'
3 non-polymer GLYCEROL
4 water water
#
_entity_poly.entity_id   1
_entity_poly.type   'polypeptide(L)'
_entity_poly.pdbx_seq_one_letter_code
;SNA(MSE)GKVLVIYDTRTGNTKK(MSE)AELVAEGARSLEGTEVRLKHVDEATKEDVLWADGLAVGSPTN(MSE)GLVS
WK(MSE)KRFFDDVLGDLWGEIDGKIACAFSSSGGWGGGNEVAC(MSE)SILT(MSE)L(MSE)NFGFLVFGVTDYVGKK
FTLHYGAVVAGEPRSEEEKEACRRLGRRLAEWVAIFVDGRKELLEKIRKDPARFVD
;
_entity_poly.pdbx_strand_id   A,B,C,D,E,F
#
# COMPACT_ATOMS: atom_id res chain seq x y z
N SER A 1 22.97 -0.21 3.21
CA SER A 1 23.00 0.76 2.07
C SER A 1 21.57 1.00 1.60
N ASN A 2 20.74 -0.04 1.60
CA ASN A 2 19.30 0.19 1.46
C ASN A 2 18.81 1.02 2.64
N ALA A 3 17.69 1.72 2.45
CA ALA A 3 17.10 2.48 3.54
C ALA A 3 16.25 1.55 4.39
N GLY A 5 12.69 0.47 5.98
CA GLY A 5 11.28 0.61 5.63
C GLY A 5 10.68 1.76 6.42
N LYS A 6 9.90 2.60 5.75
CA LYS A 6 9.32 3.80 6.34
C LYS A 6 7.80 3.59 6.47
N VAL A 7 7.33 3.50 7.72
CA VAL A 7 5.90 3.28 8.02
C VAL A 7 5.26 4.46 8.78
N LEU A 8 4.12 4.92 8.27
CA LEU A 8 3.33 5.98 8.91
C LEU A 8 2.11 5.37 9.53
N VAL A 9 1.96 5.54 10.83
CA VAL A 9 0.70 5.19 11.48
C VAL A 9 0.03 6.51 11.78
N ILE A 10 -1.09 6.78 11.12
CA ILE A 10 -1.79 8.05 11.31
C ILE A 10 -3.20 7.72 11.78
N TYR A 11 -3.73 8.39 12.81
CA TYR A 11 -5.05 8.00 13.39
C TYR A 11 -5.85 9.24 13.82
N ASP A 12 -7.18 9.11 13.75
CA ASP A 12 -8.08 9.98 14.46
C ASP A 12 -8.65 9.18 15.63
N THR A 13 -9.27 9.85 16.59
CA THR A 13 -9.91 9.17 17.72
C THR A 13 -10.99 10.06 18.39
N ARG A 14 -12.10 9.47 18.85
CA ARG A 14 -12.97 10.23 19.77
C ARG A 14 -12.66 10.07 21.24
N THR A 15 -12.40 8.85 21.70
CA THR A 15 -12.21 8.57 23.14
C THR A 15 -10.83 8.06 23.51
N GLY A 16 -10.02 7.71 22.53
CA GLY A 16 -8.71 7.15 22.78
C GLY A 16 -8.56 5.72 22.32
N ASN A 17 -9.64 5.05 21.98
CA ASN A 17 -9.58 3.63 21.67
C ASN A 17 -8.75 3.40 20.44
N THR A 18 -9.03 4.17 19.38
CA THR A 18 -8.25 4.09 18.15
C THR A 18 -6.77 4.50 18.36
N LYS A 19 -6.50 5.42 19.31
CA LYS A 19 -5.13 5.75 19.72
C LYS A 19 -4.42 4.53 20.32
N LYS A 20 -5.09 3.81 21.21
CA LYS A 20 -4.54 2.57 21.75
C LYS A 20 -4.27 1.51 20.65
N ALA A 22 -3.60 2.31 17.54
CA ALA A 22 -2.55 2.90 16.69
C ALA A 22 -1.17 2.65 17.26
N GLU A 23 -1.11 2.64 18.60
CA GLU A 23 0.15 2.44 19.30
C GLU A 23 0.60 1.00 19.13
N LEU A 24 -0.36 0.08 19.12
CA LEU A 24 -0.12 -1.35 18.95
C LEU A 24 0.24 -1.69 17.51
N VAL A 25 -0.41 -1.02 16.55
CA VAL A 25 -0.02 -1.14 15.14
C VAL A 25 1.45 -0.72 14.94
N ALA A 26 1.80 0.40 15.57
CA ALA A 26 3.12 1.01 15.44
C ALA A 26 4.19 0.12 16.06
N GLU A 27 3.87 -0.44 17.22
CA GLU A 27 4.68 -1.47 17.85
C GLU A 27 4.78 -2.71 16.94
N GLY A 28 3.67 -3.13 16.34
CA GLY A 28 3.69 -4.20 15.34
C GLY A 28 4.74 -3.98 14.27
N ALA A 29 4.77 -2.77 13.67
CA ALA A 29 5.70 -2.45 12.58
C ALA A 29 7.14 -2.36 13.05
N ARG A 30 7.35 -1.77 14.24
CA ARG A 30 8.69 -1.60 14.77
C ARG A 30 9.32 -2.96 15.08
N SER A 31 8.48 -3.99 15.20
CA SER A 31 8.95 -5.32 15.60
C SER A 31 9.74 -5.99 14.47
N LEU A 32 9.50 -5.58 13.23
CA LEU A 32 10.30 -6.03 12.09
C LEU A 32 11.56 -5.20 12.04
N GLU A 33 12.70 -5.79 12.39
CA GLU A 33 13.99 -5.10 12.35
C GLU A 33 14.22 -4.30 11.05
N GLY A 34 14.73 -3.09 11.21
CA GLY A 34 15.04 -2.22 10.07
C GLY A 34 13.81 -1.57 9.45
N THR A 35 12.75 -1.45 10.25
CA THR A 35 11.59 -0.67 9.89
C THR A 35 11.54 0.53 10.82
N GLU A 36 11.38 1.68 10.20
CA GLU A 36 11.24 2.95 10.90
C GLU A 36 9.76 3.40 10.91
N VAL A 37 9.27 3.87 12.06
CA VAL A 37 7.85 4.19 12.22
C VAL A 37 7.61 5.65 12.70
N ARG A 38 6.64 6.32 12.08
CA ARG A 38 6.18 7.61 12.58
C ARG A 38 4.76 7.36 13.05
N LEU A 39 4.43 7.78 14.28
CA LEU A 39 3.04 7.70 14.82
C LEU A 39 2.47 9.11 15.00
N LYS A 40 1.41 9.44 14.27
CA LYS A 40 0.80 10.80 14.39
C LYS A 40 -0.71 10.78 14.55
N HIS A 41 -1.26 11.64 15.40
CA HIS A 41 -2.67 12.00 15.34
C HIS A 41 -2.90 12.84 14.04
N VAL A 42 -4.08 12.72 13.43
CA VAL A 42 -4.41 13.50 12.23
C VAL A 42 -4.13 15.04 12.32
N ASP A 43 -4.39 15.65 13.49
CA ASP A 43 -4.14 17.10 13.70
C ASP A 43 -2.65 17.42 13.72
N GLU A 44 -1.83 16.41 14.01
CA GLU A 44 -0.38 16.51 14.07
C GLU A 44 0.25 16.32 12.69
N ALA A 45 -0.38 15.50 11.85
CA ALA A 45 0.22 14.97 10.61
C ALA A 45 0.37 15.98 9.47
N THR A 46 1.35 15.73 8.61
CA THR A 46 1.62 16.63 7.49
C THR A 46 1.67 15.86 6.17
N LYS A 47 1.50 16.58 5.06
CA LYS A 47 1.69 16.00 3.74
C LYS A 47 3.11 15.43 3.58
N GLU A 48 4.07 15.94 4.34
CA GLU A 48 5.45 15.45 4.28
C GLU A 48 5.66 14.08 4.93
N ASP A 49 4.89 13.80 5.99
CA ASP A 49 4.84 12.47 6.60
C ASP A 49 4.46 11.41 5.62
N VAL A 50 3.53 11.76 4.73
CA VAL A 50 2.94 10.82 3.78
C VAL A 50 3.93 10.58 2.66
N LEU A 51 4.52 11.68 2.19
CA LEU A 51 5.63 11.61 1.24
C LEU A 51 6.81 10.77 1.73
N TRP A 52 7.09 10.85 3.02
CA TRP A 52 8.13 10.06 3.64
C TRP A 52 7.77 8.57 3.67
N ALA A 53 6.51 8.24 3.90
CA ALA A 53 6.06 6.85 4.13
C ALA A 53 6.14 5.92 2.92
N ASP A 54 6.63 4.69 3.13
CA ASP A 54 6.48 3.64 2.12
C ASP A 54 5.13 2.97 2.29
N GLY A 55 4.74 2.78 3.55
CA GLY A 55 3.51 2.14 3.94
C GLY A 55 2.80 2.98 4.98
N LEU A 56 1.46 2.95 4.93
CA LEU A 56 0.57 3.69 5.84
C LEU A 56 -0.45 2.77 6.50
N ALA A 57 -0.65 2.94 7.81
CA ALA A 57 -1.84 2.40 8.48
C ALA A 57 -2.68 3.59 8.89
N VAL A 58 -3.95 3.59 8.49
CA VAL A 58 -4.80 4.74 8.74
C VAL A 58 -5.94 4.25 9.63
N GLY A 59 -6.09 4.84 10.82
CA GLY A 59 -7.12 4.38 11.74
C GLY A 59 -8.12 5.44 12.07
N SER A 60 -9.36 5.03 12.28
CA SER A 60 -10.38 5.98 12.63
C SER A 60 -11.36 5.30 13.53
N PRO A 61 -12.02 6.06 14.43
CA PRO A 61 -13.20 5.49 15.07
C PRO A 61 -14.25 5.18 14.00
N THR A 62 -15.12 4.20 14.21
CA THR A 62 -16.24 4.01 13.31
C THR A 62 -17.24 5.08 13.58
N ASN A 63 -17.36 6.05 12.68
CA ASN A 63 -18.32 7.13 12.87
C ASN A 63 -19.41 7.06 11.79
N GLY A 65 -20.50 4.44 10.58
CA GLY A 65 -20.08 3.38 9.66
C GLY A 65 -18.89 3.73 8.79
N LEU A 66 -18.28 4.88 9.01
CA LEU A 66 -17.30 5.45 8.09
C LEU A 66 -16.11 6.07 8.83
N VAL A 67 -15.00 6.28 8.10
CA VAL A 67 -13.94 7.22 8.50
C VAL A 67 -14.52 8.48 9.11
N SER A 68 -13.79 9.07 10.05
CA SER A 68 -14.19 10.32 10.65
C SER A 68 -14.02 11.49 9.67
N TRP A 69 -14.72 12.56 9.96
CA TRP A 69 -14.67 13.71 9.10
C TRP A 69 -13.26 14.37 9.14
N LYS A 70 -12.57 14.28 10.28
CA LYS A 70 -11.23 14.87 10.36
C LYS A 70 -10.24 14.05 9.53
N LYS A 72 -11.11 12.23 6.82
CA LYS A 72 -11.56 12.56 5.48
C LYS A 72 -11.04 13.93 5.06
N ARG A 73 -11.07 14.92 5.97
CA ARG A 73 -10.62 16.28 5.60
C ARG A 73 -9.12 16.33 5.33
N PHE A 74 -8.35 15.56 6.09
CA PHE A 74 -6.94 15.46 5.89
C PHE A 74 -6.60 14.93 4.49
N PHE A 75 -7.29 13.86 4.08
CA PHE A 75 -7.12 13.32 2.77
C PHE A 75 -7.61 14.25 1.67
N ASP A 76 -8.78 14.86 1.87
CA ASP A 76 -9.37 15.69 0.82
C ASP A 76 -8.55 16.93 0.65
N ASP A 77 -8.16 17.55 1.77
CA ASP A 77 -7.67 18.92 1.74
C ASP A 77 -6.18 19.08 1.92
N VAL A 78 -5.57 18.27 2.78
CA VAL A 78 -4.12 18.31 2.98
C VAL A 78 -3.40 17.52 1.89
N LEU A 79 -3.80 16.27 1.67
CA LEU A 79 -3.20 15.45 0.63
C LEU A 79 -3.69 15.73 -0.79
N GLY A 80 -4.72 16.55 -0.91
CA GLY A 80 -5.31 16.84 -2.21
C GLY A 80 -4.37 17.32 -3.31
N ASP A 81 -3.33 18.06 -2.94
CA ASP A 81 -2.30 18.51 -3.91
C ASP A 81 -1.37 17.40 -4.35
N LEU A 82 -1.16 16.42 -3.49
CA LEU A 82 -0.32 15.25 -3.82
C LEU A 82 -1.03 14.22 -4.70
N TRP A 83 -2.34 14.42 -4.92
CA TRP A 83 -3.16 13.40 -5.56
C TRP A 83 -2.65 13.26 -6.98
N GLY A 84 -2.35 12.02 -7.34
CA GLY A 84 -1.94 11.70 -8.70
C GLY A 84 -0.45 11.55 -8.80
N GLU A 85 0.30 11.97 -7.79
CA GLU A 85 1.76 11.87 -7.87
C GLU A 85 2.34 11.04 -6.72
N ILE A 86 1.50 10.32 -6.01
CA ILE A 86 2.00 9.46 -4.93
C ILE A 86 1.50 8.02 -5.04
N ASP A 87 1.17 7.57 -6.26
CA ASP A 87 0.69 6.21 -6.51
C ASP A 87 1.68 5.15 -6.06
N GLY A 88 1.16 4.01 -5.61
CA GLY A 88 2.01 2.87 -5.29
C GLY A 88 2.58 2.84 -3.88
N LYS A 89 2.11 3.74 -3.01
CA LYS A 89 2.34 3.56 -1.58
C LYS A 89 1.50 2.38 -1.17
N ILE A 90 1.90 1.73 -0.08
CA ILE A 90 1.22 0.56 0.44
C ILE A 90 0.49 1.01 1.71
N ALA A 91 -0.79 0.65 1.83
CA ALA A 91 -1.64 1.11 2.94
C ALA A 91 -2.63 0.06 3.41
N CYS A 92 -3.05 0.19 4.67
CA CYS A 92 -4.13 -0.60 5.30
C CYS A 92 -4.89 0.32 6.29
N ALA A 93 -5.86 -0.25 7.00
CA ALA A 93 -6.88 0.49 7.76
C ALA A 93 -7.07 -0.14 9.11
N PHE A 94 -7.53 0.61 10.09
CA PHE A 94 -8.01 0.01 11.36
C PHE A 94 -9.07 0.86 12.02
N SER A 95 -9.89 0.27 12.89
CA SER A 95 -11.05 1.01 13.40
C SER A 95 -11.63 0.36 14.64
N SER A 96 -12.14 1.23 15.53
CA SER A 96 -12.74 0.82 16.77
C SER A 96 -14.17 1.32 16.64
N SER A 97 -15.14 0.48 17.02
CA SER A 97 -16.56 0.85 17.03
C SER A 97 -17.15 0.68 18.41
N GLY A 98 -18.41 1.07 18.58
CA GLY A 98 -19.11 0.97 19.84
C GLY A 98 -19.43 -0.48 20.16
N GLY A 99 -19.55 -1.30 19.11
CA GLY A 99 -20.00 -2.67 19.28
C GLY A 99 -19.64 -3.53 18.10
N TRP A 100 -19.53 -4.84 18.36
CA TRP A 100 -19.49 -5.86 17.30
C TRP A 100 -20.81 -5.81 16.56
N GLY A 101 -20.71 -5.82 15.23
CA GLY A 101 -21.86 -5.63 14.36
C GLY A 101 -22.17 -4.15 14.16
N GLY A 102 -21.25 -3.30 14.64
CA GLY A 102 -21.43 -1.86 14.67
C GLY A 102 -20.85 -1.12 13.51
N GLY A 103 -20.09 -1.82 12.68
CA GLY A 103 -19.68 -1.23 11.40
C GLY A 103 -18.23 -0.98 11.27
N ASN A 104 -17.41 -1.65 12.08
CA ASN A 104 -15.95 -1.48 12.02
C ASN A 104 -15.25 -2.02 10.76
N GLU A 105 -15.82 -3.07 10.15
CA GLU A 105 -15.27 -3.56 8.88
C GLU A 105 -15.68 -2.63 7.76
N VAL A 106 -16.91 -2.11 7.83
CA VAL A 106 -17.40 -1.16 6.86
C VAL A 106 -16.62 0.16 6.95
N ALA A 107 -16.26 0.59 8.17
CA ALA A 107 -15.41 1.80 8.31
C ALA A 107 -14.03 1.60 7.68
N CYS A 108 -13.41 0.43 7.95
CA CYS A 108 -12.24 -0.04 7.28
C CYS A 108 -12.36 0.01 5.74
N SER A 110 -14.24 1.87 3.98
CA SER A 110 -14.27 3.29 3.54
C SER A 110 -12.90 3.98 3.62
N ILE A 111 -12.09 3.59 4.60
CA ILE A 111 -10.69 4.01 4.65
C ILE A 111 -9.95 3.46 3.41
N LEU A 112 -10.06 2.14 3.18
CA LEU A 112 -9.45 1.50 2.02
C LEU A 112 -9.86 2.14 0.68
N THR A 113 -11.11 2.56 0.56
CA THR A 113 -11.57 3.16 -0.68
C THR A 113 -10.99 4.53 -0.91
N LEU A 115 -7.99 5.37 0.36
CA LEU A 115 -6.61 5.07 0.05
C LEU A 115 -6.44 4.62 -1.38
N ASN A 117 -8.14 5.47 -3.83
CA ASN A 117 -8.38 6.58 -4.71
C ASN A 117 -7.07 7.31 -5.02
N PHE A 118 -6.11 7.25 -4.10
CA PHE A 118 -4.81 7.87 -4.31
C PHE A 118 -3.84 6.95 -5.05
N GLY A 119 -4.33 5.82 -5.57
CA GLY A 119 -3.54 4.93 -6.34
C GLY A 119 -2.64 4.05 -5.49
N PHE A 120 -2.92 3.99 -4.18
CA PHE A 120 -2.19 3.11 -3.27
C PHE A 120 -2.56 1.64 -3.50
N LEU A 121 -1.62 0.75 -3.16
CA LEU A 121 -1.86 -0.69 -3.09
C LEU A 121 -2.32 -0.95 -1.66
N VAL A 122 -3.54 -1.47 -1.49
CA VAL A 122 -4.12 -1.73 -0.17
C VAL A 122 -4.37 -3.22 0.11
N PHE A 123 -4.44 -3.55 1.38
CA PHE A 123 -4.53 -4.94 1.79
C PHE A 123 -5.19 -5.05 3.19
N GLY A 124 -5.66 -6.26 3.49
CA GLY A 124 -6.01 -6.69 4.85
C GLY A 124 -5.18 -7.93 5.16
N VAL A 125 -5.45 -8.57 6.30
CA VAL A 125 -4.61 -9.69 6.78
C VAL A 125 -5.38 -10.97 6.99
N THR A 126 -4.84 -12.06 6.46
CA THR A 126 -5.48 -13.38 6.58
C THR A 126 -5.29 -14.00 7.96
N ASP A 127 -4.16 -13.72 8.59
CA ASP A 127 -3.80 -14.29 9.89
C ASP A 127 -4.96 -14.37 10.87
N TYR A 128 -5.09 -15.54 11.49
CA TYR A 128 -5.90 -15.66 12.69
C TYR A 128 -5.01 -15.55 13.91
N VAL A 129 -5.39 -14.61 14.73
CA VAL A 129 -4.58 -14.10 15.77
C VAL A 129 -5.25 -14.64 17.03
N GLY A 130 -6.46 -15.15 16.84
CA GLY A 130 -7.22 -15.88 17.85
C GLY A 130 -8.09 -16.88 17.12
N LYS A 131 -8.59 -17.87 17.85
CA LYS A 131 -9.33 -18.99 17.26
C LYS A 131 -10.47 -18.49 16.37
N LYS A 132 -11.14 -17.43 16.82
CA LYS A 132 -12.23 -16.77 16.08
C LYS A 132 -11.94 -15.27 15.92
N PHE A 133 -10.67 -14.92 15.75
CA PHE A 133 -10.31 -13.53 15.70
C PHE A 133 -9.31 -13.22 14.58
N THR A 134 -9.77 -12.39 13.62
CA THR A 134 -8.96 -12.05 12.45
C THR A 134 -9.03 -10.57 12.06
N LEU A 135 -8.53 -10.23 10.87
CA LEU A 135 -8.37 -8.83 10.50
C LEU A 135 -8.30 -8.68 8.98
N HIS A 136 -9.27 -9.33 8.32
CA HIS A 136 -9.29 -9.44 6.86
C HIS A 136 -9.31 -8.15 6.06
N TYR A 137 -9.94 -7.12 6.62
CA TYR A 137 -10.05 -5.79 5.96
C TYR A 137 -9.32 -4.70 6.74
N GLY A 138 -8.76 -5.11 7.87
CA GLY A 138 -7.99 -4.22 8.72
C GLY A 138 -8.23 -4.64 10.14
N ALA A 139 -7.43 -4.12 11.05
CA ALA A 139 -7.64 -4.44 12.46
C ALA A 139 -8.91 -3.74 12.97
N VAL A 140 -9.82 -4.50 13.60
CA VAL A 140 -11.08 -3.95 14.13
C VAL A 140 -11.28 -4.45 15.58
N VAL A 141 -11.88 -3.61 16.42
CA VAL A 141 -12.15 -3.91 17.82
C VAL A 141 -13.43 -3.17 18.20
N ALA A 142 -14.19 -3.69 19.17
CA ALA A 142 -15.21 -2.88 19.76
C ALA A 142 -14.66 -2.26 21.07
N GLY A 143 -14.70 -0.94 21.17
CA GLY A 143 -14.09 -0.23 22.30
C GLY A 143 -12.57 -0.27 22.29
N GLU A 144 -11.98 -0.35 23.49
CA GLU A 144 -10.52 -0.41 23.63
C GLU A 144 -9.95 -1.83 23.37
N PRO A 145 -8.78 -1.94 22.71
CA PRO A 145 -8.17 -3.27 22.56
C PRO A 145 -7.70 -3.77 23.91
N ARG A 146 -8.46 -4.70 24.51
CA ARG A 146 -8.17 -5.15 25.88
C ARG A 146 -7.67 -6.58 25.92
N SER A 147 -8.32 -7.47 25.17
CA SER A 147 -7.97 -8.88 25.19
C SER A 147 -6.70 -9.14 24.40
N GLU A 148 -6.07 -10.26 24.73
CA GLU A 148 -4.84 -10.67 24.08
C GLU A 148 -4.94 -10.71 22.54
N GLU A 149 -6.03 -11.30 22.02
CA GLU A 149 -6.21 -11.37 20.57
C GLU A 149 -6.51 -9.98 19.94
N GLU A 150 -7.23 -9.12 20.67
CA GLU A 150 -7.49 -7.76 20.20
C GLU A 150 -6.19 -6.97 20.10
N LYS A 151 -5.32 -7.11 21.11
CA LYS A 151 -4.03 -6.41 21.11
C LYS A 151 -3.16 -6.95 19.98
N GLU A 152 -3.24 -8.27 19.76
CA GLU A 152 -2.42 -8.97 18.77
C GLU A 152 -2.85 -8.68 17.35
N ALA A 153 -4.16 -8.55 17.11
CA ALA A 153 -4.68 -8.11 15.79
C ALA A 153 -4.03 -6.80 15.35
N CYS A 154 -3.90 -5.87 16.31
CA CYS A 154 -3.37 -4.54 16.06
C CYS A 154 -1.91 -4.60 15.73
N ARG A 155 -1.17 -5.35 16.53
CA ARG A 155 0.21 -5.63 16.24
C ARG A 155 0.40 -6.29 14.88
N ARG A 156 -0.42 -7.29 14.58
CA ARG A 156 -0.26 -8.02 13.31
C ARG A 156 -0.39 -7.14 12.06
N LEU A 157 -1.34 -6.21 12.09
CA LEU A 157 -1.49 -5.24 11.02
C LEU A 157 -0.20 -4.50 10.70
N GLY A 158 0.43 -3.91 11.72
CA GLY A 158 1.67 -3.16 11.54
C GLY A 158 2.81 -4.03 11.08
N ARG A 159 2.87 -5.25 11.63
CA ARG A 159 3.79 -6.33 11.25
C ARG A 159 3.71 -6.65 9.75
N ARG A 160 2.49 -6.93 9.28
CA ARG A 160 2.29 -7.25 7.88
C ARG A 160 2.56 -6.04 6.99
N LEU A 161 2.18 -4.85 7.45
CA LEU A 161 2.52 -3.61 6.74
C LEU A 161 4.02 -3.50 6.54
N ALA A 162 4.78 -3.72 7.62
CA ALA A 162 6.23 -3.57 7.59
C ALA A 162 6.85 -4.64 6.70
N GLU A 163 6.29 -5.83 6.77
CA GLU A 163 6.68 -6.96 5.92
C GLU A 163 6.41 -6.72 4.44
N TRP A 164 5.26 -6.13 4.09
CA TRP A 164 4.99 -5.82 2.67
C TRP A 164 5.93 -4.72 2.17
N VAL A 165 6.16 -3.71 3.02
CA VAL A 165 7.17 -2.68 2.72
C VAL A 165 8.54 -3.30 2.48
N ALA A 166 8.93 -4.23 3.34
CA ALA A 166 10.23 -4.91 3.28
C ALA A 166 10.38 -5.77 2.03
N ILE A 167 9.29 -6.44 1.64
CA ILE A 167 9.29 -7.32 0.47
C ILE A 167 9.30 -6.52 -0.82
N PHE A 168 8.34 -5.62 -0.94
CA PHE A 168 8.06 -4.92 -2.18
C PHE A 168 8.83 -3.63 -2.42
N VAL A 169 9.26 -2.92 -1.38
CA VAL A 169 10.09 -1.75 -1.64
C VAL A 169 11.56 -1.94 -1.30
N ASP A 170 11.83 -2.63 -0.19
CA ASP A 170 13.21 -2.94 0.17
C ASP A 170 13.73 -4.13 -0.63
N GLY A 171 12.82 -5.02 -1.03
CA GLY A 171 13.19 -6.11 -1.90
C GLY A 171 13.65 -7.39 -1.23
N ARG A 172 13.37 -7.56 0.07
CA ARG A 172 13.52 -8.87 0.75
C ARG A 172 12.60 -9.97 0.17
N LYS A 173 12.89 -10.39 -1.06
CA LYS A 173 12.11 -11.38 -1.81
C LYS A 173 11.91 -12.67 -1.04
N GLU A 174 12.84 -12.96 -0.13
CA GLU A 174 12.87 -14.21 0.64
C GLU A 174 11.79 -14.29 1.73
N LEU A 175 11.37 -13.13 2.21
CA LEU A 175 10.33 -13.02 3.23
C LEU A 175 8.96 -13.49 2.77
N LEU A 176 8.71 -13.46 1.47
CA LEU A 176 7.39 -13.82 0.95
C LEU A 176 7.02 -15.25 1.34
N GLU A 177 7.92 -16.19 1.01
CA GLU A 177 7.72 -17.61 1.31
C GLU A 177 7.77 -17.90 2.79
N LYS A 178 8.66 -17.21 3.52
CA LYS A 178 8.69 -17.33 4.96
C LYS A 178 7.27 -17.09 5.51
N ILE A 179 6.66 -15.97 5.10
CA ILE A 179 5.34 -15.60 5.58
C ILE A 179 4.26 -16.58 5.12
N ARG A 180 4.34 -17.01 3.87
CA ARG A 180 3.27 -17.83 3.31
C ARG A 180 3.15 -19.16 4.00
N LYS A 181 4.31 -19.67 4.45
CA LYS A 181 4.44 -21.02 5.01
C LYS A 181 4.54 -21.06 6.54
N ASP A 182 4.52 -19.87 7.15
CA ASP A 182 4.56 -19.71 8.61
C ASP A 182 3.30 -20.21 9.35
N PRO A 183 3.42 -21.31 10.12
CA PRO A 183 2.27 -21.87 10.84
C PRO A 183 1.72 -21.01 12.00
N ALA A 184 2.55 -20.14 12.59
CA ALA A 184 2.11 -19.23 13.65
C ALA A 184 1.02 -18.22 13.23
N ARG A 185 0.84 -17.99 11.92
CA ARG A 185 -0.14 -17.03 11.41
C ARG A 185 -1.59 -17.48 11.67
N PHE A 186 -1.76 -18.73 12.05
CA PHE A 186 -3.09 -19.31 12.25
C PHE A 186 -3.20 -20.06 13.56
N VAL A 187 -3.84 -19.39 14.52
CA VAL A 187 -4.04 -19.93 15.86
C VAL A 187 -5.07 -21.07 15.87
N ASN B 2 17.50 -8.41 -17.31
CA ASN B 2 16.56 -9.57 -17.18
C ASN B 2 15.14 -9.18 -16.72
N ALA B 3 14.51 -8.22 -17.43
CA ALA B 3 13.16 -7.72 -17.10
C ALA B 3 12.06 -8.80 -17.26
N GLY B 5 8.03 -10.52 -15.65
CA GLY B 5 6.78 -10.39 -14.91
C GLY B 5 5.67 -11.32 -15.36
N LYS B 6 4.86 -11.77 -14.40
CA LYS B 6 3.81 -12.79 -14.62
C LYS B 6 2.42 -12.29 -14.24
N VAL B 7 1.58 -12.10 -15.25
CA VAL B 7 0.25 -11.54 -15.08
C VAL B 7 -0.81 -12.53 -15.58
N LEU B 8 -1.85 -12.73 -14.76
CA LEU B 8 -3.04 -13.52 -15.13
C LEU B 8 -4.19 -12.56 -15.33
N VAL B 9 -4.80 -12.56 -16.51
CA VAL B 9 -6.09 -11.92 -16.65
C VAL B 9 -7.12 -13.02 -16.66
N ILE B 10 -7.97 -13.03 -15.65
CA ILE B 10 -9.01 -14.06 -15.54
C ILE B 10 -10.35 -13.32 -15.58
N TYR B 11 -11.34 -13.87 -16.25
CA TYR B 11 -12.59 -13.16 -16.45
C TYR B 11 -13.78 -14.15 -16.60
N ASP B 12 -14.97 -13.60 -16.39
CA ASP B 12 -16.20 -14.30 -16.64
C ASP B 12 -16.98 -13.33 -17.49
N THR B 13 -18.09 -13.78 -18.04
CA THR B 13 -18.82 -12.99 -19.01
C THR B 13 -20.18 -13.62 -19.20
N ARG B 14 -21.18 -12.78 -19.41
CA ARG B 14 -22.55 -13.19 -19.74
C ARG B 14 -22.82 -13.14 -21.24
N THR B 15 -22.38 -12.08 -21.93
CA THR B 15 -22.64 -11.90 -23.36
C THR B 15 -21.36 -11.63 -24.16
N GLY B 16 -20.25 -11.44 -23.45
CA GLY B 16 -18.96 -11.37 -24.08
C GLY B 16 -18.26 -10.03 -23.94
N ASN B 17 -18.96 -9.05 -23.36
CA ASN B 17 -18.43 -7.70 -23.19
C ASN B 17 -17.18 -7.62 -22.31
N THR B 18 -17.21 -8.40 -21.24
CA THR B 18 -16.13 -8.48 -20.30
C THR B 18 -14.94 -9.27 -20.87
N LYS B 19 -15.21 -10.22 -21.78
CA LYS B 19 -14.12 -10.82 -22.59
C LYS B 19 -13.39 -9.75 -23.43
N LYS B 20 -14.14 -8.87 -24.07
CA LYS B 20 -13.54 -7.79 -24.83
C LYS B 20 -12.65 -6.92 -23.97
N ALA B 22 -11.22 -7.90 -21.14
CA ALA B 22 -10.15 -8.78 -20.66
C ALA B 22 -9.03 -8.90 -21.68
N GLU B 23 -9.40 -8.90 -22.96
CA GLU B 23 -8.42 -8.86 -24.07
C GLU B 23 -7.65 -7.55 -24.07
N LEU B 24 -8.32 -6.45 -23.74
CA LEU B 24 -7.62 -5.18 -23.70
C LEU B 24 -6.70 -5.04 -22.48
N VAL B 25 -7.12 -5.60 -21.35
CA VAL B 25 -6.32 -5.63 -20.13
C VAL B 25 -5.04 -6.41 -20.36
N ALA B 26 -5.18 -7.63 -20.87
CA ALA B 26 -4.05 -8.47 -21.27
C ALA B 26 -3.11 -7.73 -22.21
N GLU B 27 -3.64 -6.96 -23.15
CA GLU B 27 -2.75 -6.32 -24.10
C GLU B 27 -2.04 -5.12 -23.46
N GLY B 28 -2.73 -4.45 -22.55
CA GLY B 28 -2.07 -3.45 -21.72
C GLY B 28 -0.94 -4.04 -20.92
N ALA B 29 -1.15 -5.17 -20.24
CA ALA B 29 -0.04 -5.84 -19.52
C ALA B 29 1.10 -6.28 -20.45
N ARG B 30 0.77 -6.80 -21.63
CA ARG B 30 1.78 -7.27 -22.58
C ARG B 30 2.62 -6.13 -23.15
N SER B 31 2.12 -4.91 -23.06
CA SER B 31 2.80 -3.74 -23.58
C SER B 31 4.10 -3.43 -22.81
N LEU B 32 4.17 -3.84 -21.54
CA LEU B 32 5.38 -3.69 -20.73
C LEU B 32 6.29 -4.86 -21.03
N GLU B 33 7.41 -4.54 -21.68
CA GLU B 33 8.41 -5.50 -22.12
C GLU B 33 8.85 -6.45 -21.01
N GLY B 34 8.85 -7.73 -21.33
CA GLY B 34 9.25 -8.76 -20.37
C GLY B 34 8.11 -9.20 -19.47
N THR B 35 6.87 -8.87 -19.84
CA THR B 35 5.71 -9.26 -19.05
C THR B 35 4.95 -10.39 -19.74
N GLU B 36 5.03 -11.56 -19.14
CA GLU B 36 4.23 -12.68 -19.58
C GLU B 36 2.79 -12.60 -19.07
N VAL B 37 1.84 -12.75 -19.98
CA VAL B 37 0.42 -12.63 -19.67
C VAL B 37 -0.28 -13.92 -20.03
N ARG B 38 -1.16 -14.35 -19.13
CA ARG B 38 -1.97 -15.51 -19.33
C ARG B 38 -3.41 -14.95 -19.32
N LEU B 39 -4.18 -15.26 -20.35
CA LEU B 39 -5.57 -14.79 -20.44
C LEU B 39 -6.50 -16.00 -20.42
N LYS B 40 -7.36 -16.06 -19.39
CA LYS B 40 -8.26 -17.23 -19.23
C LYS B 40 -9.70 -16.88 -18.87
N HIS B 41 -10.65 -17.57 -19.50
CA HIS B 41 -12.01 -17.60 -18.98
C HIS B 41 -11.99 -18.36 -17.65
N VAL B 42 -12.91 -18.07 -16.72
CA VAL B 42 -12.99 -18.84 -15.47
C VAL B 42 -13.13 -20.32 -15.71
N ASP B 43 -13.87 -20.71 -16.74
CA ASP B 43 -14.06 -22.14 -17.02
C ASP B 43 -12.79 -22.89 -17.34
N GLU B 44 -11.76 -22.21 -17.84
CA GLU B 44 -10.52 -22.87 -18.19
C GLU B 44 -9.37 -22.53 -17.23
N ALA B 45 -9.61 -21.60 -16.31
CA ALA B 45 -8.58 -21.16 -15.35
C ALA B 45 -8.32 -22.25 -14.33
N THR B 46 -7.07 -22.33 -13.89
CA THR B 46 -6.67 -23.28 -12.86
C THR B 46 -6.05 -22.61 -11.65
N LYS B 47 -6.14 -23.30 -10.52
CA LYS B 47 -5.34 -23.07 -9.32
C LYS B 47 -3.90 -22.65 -9.67
N GLU B 48 -3.27 -23.44 -10.55
CA GLU B 48 -1.87 -23.25 -10.94
C GLU B 48 -1.58 -21.94 -11.67
N ASP B 49 -2.56 -21.43 -12.40
CA ASP B 49 -2.39 -20.14 -13.08
C ASP B 49 -2.24 -19.04 -12.06
N VAL B 50 -2.97 -19.16 -10.95
CA VAL B 50 -2.93 -18.19 -9.88
C VAL B 50 -1.59 -18.27 -9.15
N LEU B 51 -1.09 -19.48 -8.93
CA LEU B 51 0.22 -19.67 -8.30
C LEU B 51 1.35 -19.11 -9.16
N TRP B 52 1.21 -19.27 -10.47
CA TRP B 52 2.17 -18.77 -11.43
C TRP B 52 2.22 -17.23 -11.49
N ALA B 53 1.07 -16.58 -11.34
CA ALA B 53 0.97 -15.12 -11.49
C ALA B 53 1.53 -14.32 -10.31
N ASP B 54 2.32 -13.29 -10.64
CA ASP B 54 2.69 -12.26 -9.67
C ASP B 54 1.54 -11.29 -9.42
N GLY B 55 0.77 -11.02 -10.48
CA GLY B 55 -0.30 -10.05 -10.48
C GLY B 55 -1.51 -10.60 -11.20
N LEU B 56 -2.70 -10.26 -10.70
CA LEU B 56 -3.97 -10.70 -11.29
C LEU B 56 -4.84 -9.54 -11.68
N ALA B 57 -5.48 -9.62 -12.83
CA ALA B 57 -6.64 -8.78 -13.16
C ALA B 57 -7.85 -9.66 -13.25
N VAL B 58 -8.91 -9.32 -12.53
CA VAL B 58 -10.06 -10.18 -12.42
C VAL B 58 -11.31 -9.46 -12.93
N GLY B 59 -11.94 -10.04 -13.97
CA GLY B 59 -13.08 -9.41 -14.58
C GLY B 59 -14.38 -10.15 -14.40
N SER B 60 -15.47 -9.42 -14.29
CA SER B 60 -16.76 -10.07 -14.27
C SER B 60 -17.76 -9.10 -14.83
N PRO B 61 -18.86 -9.60 -15.40
CA PRO B 61 -20.01 -8.72 -15.65
C PRO B 61 -20.59 -8.27 -14.29
N THR B 62 -21.15 -7.09 -14.20
CA THR B 62 -21.83 -6.75 -12.99
C THR B 62 -23.21 -7.42 -13.01
N ASN B 63 -23.39 -8.34 -12.09
CA ASN B 63 -24.57 -9.12 -12.01
C ASN B 63 -25.19 -8.82 -10.65
N GLY B 65 -25.06 -5.92 -9.12
CA GLY B 65 -24.07 -5.14 -8.39
C GLY B 65 -22.81 -5.86 -7.98
N LEU B 66 -22.70 -7.15 -8.28
CA LEU B 66 -21.63 -7.99 -7.71
C LEU B 66 -20.91 -8.84 -8.77
N VAL B 67 -19.74 -9.40 -8.39
CA VAL B 67 -19.12 -10.52 -9.14
C VAL B 67 -20.17 -11.57 -9.54
N SER B 68 -19.94 -12.27 -10.65
CA SER B 68 -20.84 -13.31 -11.08
C SER B 68 -20.67 -14.50 -10.13
N TRP B 69 -21.66 -15.39 -10.08
CA TRP B 69 -21.58 -16.54 -9.17
C TRP B 69 -20.49 -17.54 -9.56
N LYS B 70 -20.23 -17.67 -10.87
CA LYS B 70 -19.23 -18.56 -11.40
C LYS B 70 -17.82 -18.11 -10.99
N LYS B 72 -17.33 -16.12 -8.36
CA LYS B 72 -17.35 -16.33 -6.89
C LYS B 72 -17.00 -17.79 -6.57
N ARG B 73 -17.65 -18.72 -7.25
CA ARG B 73 -17.43 -20.13 -7.10
C ARG B 73 -15.95 -20.54 -7.35
N PHE B 74 -15.34 -20.01 -8.41
CA PHE B 74 -13.93 -20.19 -8.65
C PHE B 74 -13.08 -19.83 -7.40
N PHE B 75 -13.26 -18.64 -6.85
CA PHE B 75 -12.56 -18.24 -5.64
C PHE B 75 -12.88 -19.04 -4.37
N ASP B 76 -14.16 -19.31 -4.12
CA ASP B 76 -14.59 -20.08 -2.95
C ASP B 76 -14.06 -21.50 -2.95
N ASP B 77 -14.16 -22.16 -4.10
CA ASP B 77 -14.04 -23.60 -4.19
C ASP B 77 -12.77 -24.11 -4.89
N VAL B 78 -12.26 -23.42 -5.90
CA VAL B 78 -10.98 -23.88 -6.46
C VAL B 78 -9.76 -23.18 -5.87
N LEU B 79 -9.88 -21.88 -5.59
CA LEU B 79 -8.78 -21.18 -4.94
C LEU B 79 -8.81 -21.32 -3.42
N GLY B 80 -9.93 -21.79 -2.88
CA GLY B 80 -10.07 -22.01 -1.44
C GLY B 80 -8.97 -22.82 -0.77
N ASP B 81 -8.41 -23.80 -1.46
CA ASP B 81 -7.31 -24.59 -0.92
C ASP B 81 -5.99 -23.84 -0.71
N LEU B 82 -5.78 -22.81 -1.53
CA LEU B 82 -4.61 -21.92 -1.41
C LEU B 82 -4.78 -20.79 -0.40
N TRP B 83 -5.99 -20.63 0.12
CA TRP B 83 -6.30 -19.55 1.04
C TRP B 83 -5.37 -19.60 2.25
N GLY B 84 -4.66 -18.51 2.47
CA GLY B 84 -3.76 -18.41 3.60
C GLY B 84 -2.32 -18.63 3.23
N GLU B 85 -2.03 -18.97 2.00
CA GLU B 85 -0.64 -19.16 1.62
C GLU B 85 -0.22 -18.53 0.31
N ILE B 86 -1.09 -17.71 -0.26
CA ILE B 86 -0.76 -17.00 -1.49
C ILE B 86 -0.91 -15.49 -1.27
N ASP B 87 -0.72 -15.05 -0.02
CA ASP B 87 -0.77 -13.64 0.36
C ASP B 87 0.32 -12.89 -0.35
N GLY B 88 0.02 -11.68 -0.78
CA GLY B 88 1.04 -10.82 -1.37
C GLY B 88 1.05 -10.77 -2.88
N LYS B 89 0.14 -11.49 -3.52
CA LYS B 89 -0.08 -11.29 -4.95
C LYS B 89 -0.68 -9.90 -5.13
N ILE B 90 -0.43 -9.30 -6.29
CA ILE B 90 -0.99 -7.97 -6.59
C ILE B 90 -2.20 -8.17 -7.49
N ALA B 91 -3.27 -7.40 -7.26
CA ALA B 91 -4.50 -7.65 -7.98
C ALA B 91 -5.38 -6.43 -8.17
N CYS B 92 -6.19 -6.46 -9.22
CA CYS B 92 -7.09 -5.36 -9.55
C CYS B 92 -8.29 -5.99 -10.24
N ALA B 93 -9.26 -5.17 -10.66
CA ALA B 93 -10.62 -5.65 -10.99
C ALA B 93 -11.17 -4.90 -12.19
N PHE B 94 -12.10 -5.52 -12.89
CA PHE B 94 -12.80 -4.80 -13.97
C PHE B 94 -14.17 -5.35 -14.24
N SER B 95 -15.05 -4.48 -14.75
CA SER B 95 -16.43 -4.86 -14.91
C SER B 95 -17.15 -4.16 -16.01
N SER B 96 -17.99 -4.93 -16.67
CA SER B 96 -18.93 -4.40 -17.64
C SER B 96 -20.31 -4.50 -17.06
N SER B 97 -21.04 -3.40 -17.08
CA SER B 97 -22.42 -3.41 -16.64
C SER B 97 -23.33 -3.05 -17.79
N GLY B 98 -24.64 -3.23 -17.60
CA GLY B 98 -25.67 -2.85 -18.58
C GLY B 98 -25.82 -1.34 -18.74
N GLY B 99 -25.34 -0.58 -17.76
CA GLY B 99 -25.50 0.86 -17.84
C GLY B 99 -24.59 1.62 -16.91
N TRP B 100 -24.33 2.87 -17.24
CA TRP B 100 -23.73 3.84 -16.32
C TRP B 100 -24.75 4.14 -15.23
N GLY B 101 -24.27 4.14 -13.99
CA GLY B 101 -25.10 4.17 -12.79
C GLY B 101 -25.61 2.78 -12.47
N GLY B 102 -25.13 1.80 -13.25
CA GLY B 102 -25.62 0.41 -13.19
C GLY B 102 -24.93 -0.50 -12.21
N GLY B 103 -23.90 -0.01 -11.52
CA GLY B 103 -23.21 -0.76 -10.49
C GLY B 103 -21.84 -1.34 -10.79
N ASN B 104 -21.20 -0.88 -11.88
CA ASN B 104 -19.91 -1.43 -12.26
C ASN B 104 -18.76 -1.19 -11.29
N GLU B 105 -18.72 0.01 -10.69
CA GLU B 105 -17.78 0.32 -9.63
C GLU B 105 -18.11 -0.50 -8.35
N VAL B 106 -19.39 -0.73 -8.08
CA VAL B 106 -19.73 -1.57 -6.92
C VAL B 106 -19.32 -3.03 -7.16
N ALA B 107 -19.53 -3.55 -8.38
CA ALA B 107 -19.06 -4.87 -8.73
C ALA B 107 -17.53 -5.01 -8.63
N CYS B 108 -16.81 -4.01 -9.15
CA CYS B 108 -15.38 -3.84 -8.87
C CYS B 108 -15.02 -3.88 -7.38
N SER B 110 -16.66 -5.46 -5.06
CA SER B 110 -16.90 -6.88 -4.62
C SER B 110 -15.75 -7.81 -5.03
N ILE B 111 -15.26 -7.64 -6.24
CA ILE B 111 -14.05 -8.32 -6.70
C ILE B 111 -12.86 -8.03 -5.80
N LEU B 112 -12.66 -6.76 -5.46
CA LEU B 112 -11.56 -6.32 -4.60
C LEU B 112 -11.66 -6.85 -3.17
N THR B 113 -12.88 -7.00 -2.67
CA THR B 113 -13.17 -7.53 -1.37
C THR B 113 -12.73 -8.97 -1.32
N LEU B 115 -10.53 -10.49 -3.46
CA LEU B 115 -9.08 -10.55 -3.57
C LEU B 115 -8.32 -10.17 -2.28
N ASN B 117 -9.38 -10.70 0.62
CA ASN B 117 -9.60 -11.79 1.54
C ASN B 117 -8.48 -12.81 1.49
N PHE B 118 -7.84 -12.92 0.32
CA PHE B 118 -6.68 -13.79 0.10
C PHE B 118 -5.34 -13.18 0.54
N GLY B 119 -5.35 -11.95 1.03
CA GLY B 119 -4.12 -11.30 1.41
C GLY B 119 -3.41 -10.62 0.25
N PHE B 120 -4.09 -10.49 -0.89
CA PHE B 120 -3.57 -9.75 -2.00
C PHE B 120 -3.51 -8.24 -1.69
N LEU B 121 -2.54 -7.57 -2.33
CA LEU B 121 -2.42 -6.12 -2.31
C LEU B 121 -3.15 -5.70 -3.53
N VAL B 122 -4.02 -4.73 -3.39
CA VAL B 122 -5.09 -4.50 -4.34
C VAL B 122 -5.06 -3.03 -4.68
N PHE B 123 -5.37 -2.67 -5.91
CA PHE B 123 -5.32 -1.27 -6.30
C PHE B 123 -6.35 -0.92 -7.37
N GLY B 124 -6.60 0.39 -7.55
CA GLY B 124 -7.20 0.94 -8.82
C GLY B 124 -6.24 1.97 -9.45
N VAL B 125 -6.72 2.68 -10.46
CA VAL B 125 -5.88 3.62 -11.25
C VAL B 125 -6.41 5.06 -11.23
N THR B 126 -5.49 5.97 -10.88
CA THR B 126 -5.76 7.40 -10.81
C THR B 126 -5.93 8.03 -12.19
N ASP B 127 -5.14 7.53 -13.15
CA ASP B 127 -5.04 8.03 -14.52
C ASP B 127 -6.37 8.40 -15.12
N TYR B 128 -6.43 9.59 -15.70
CA TYR B 128 -7.55 9.96 -16.55
C TYR B 128 -7.16 9.72 -17.99
N VAL B 129 -8.04 9.00 -18.65
CA VAL B 129 -7.75 8.34 -19.91
C VAL B 129 -8.57 9.10 -20.95
N GLY B 130 -9.60 9.79 -20.47
CA GLY B 130 -10.31 10.83 -21.21
C GLY B 130 -10.50 11.94 -20.21
N LYS B 131 -11.05 13.07 -20.65
CA LYS B 131 -11.19 14.21 -19.76
C LYS B 131 -12.19 13.99 -18.62
N LYS B 132 -13.18 13.13 -18.84
CA LYS B 132 -14.15 12.74 -17.83
C LYS B 132 -14.18 11.22 -17.75
N PHE B 133 -13.03 10.57 -17.92
CA PHE B 133 -13.00 9.12 -17.92
C PHE B 133 -11.77 8.48 -17.24
N THR B 134 -12.08 7.71 -16.19
CA THR B 134 -11.04 7.14 -15.33
C THR B 134 -11.34 5.71 -14.87
N LEU B 135 -10.58 5.23 -13.88
CA LEU B 135 -10.65 3.85 -13.46
C LEU B 135 -10.15 3.60 -12.01
N HIS B 136 -10.66 4.41 -11.07
CA HIS B 136 -10.16 4.44 -9.70
C HIS B 136 -10.27 3.12 -8.91
N TYR B 137 -11.21 2.26 -9.28
CA TYR B 137 -11.50 1.04 -8.52
C TYR B 137 -11.40 -0.16 -9.44
N GLY B 138 -11.04 0.15 -10.67
CA GLY B 138 -10.90 -0.82 -11.73
C GLY B 138 -11.49 -0.25 -13.00
N ALA B 139 -11.18 -0.90 -14.11
CA ALA B 139 -11.74 -0.52 -15.41
C ALA B 139 -13.23 -0.88 -15.46
N VAL B 140 -14.06 0.10 -15.81
CA VAL B 140 -15.50 -0.10 -15.91
C VAL B 140 -16.01 0.46 -17.24
N VAL B 141 -16.96 -0.23 -17.84
CA VAL B 141 -17.58 0.20 -19.09
C VAL B 141 -19.06 -0.20 -19.00
N ALA B 142 -19.95 0.48 -19.71
CA ALA B 142 -21.29 -0.03 -19.88
C ALA B 142 -21.32 -0.72 -21.24
N GLY B 143 -21.65 -2.01 -21.23
CA GLY B 143 -21.64 -2.81 -22.44
C GLY B 143 -20.24 -3.11 -22.93
N GLU B 144 -20.09 -3.10 -24.24
CA GLU B 144 -18.82 -3.38 -24.91
C GLU B 144 -17.95 -2.12 -24.91
N PRO B 145 -16.64 -2.27 -24.58
CA PRO B 145 -15.70 -1.15 -24.72
C PRO B 145 -15.53 -0.77 -26.20
N ARG B 146 -16.15 0.33 -26.59
CA ARG B 146 -16.14 0.73 -28.00
C ARG B 146 -15.40 2.04 -28.24
N SER B 147 -15.58 3.04 -27.37
CA SER B 147 -14.89 4.30 -27.55
C SER B 147 -13.43 4.08 -27.24
N GLU B 148 -12.61 5.04 -27.64
CA GLU B 148 -11.17 4.95 -27.50
C GLU B 148 -10.79 5.11 -26.03
N GLU B 149 -11.51 5.96 -25.31
CA GLU B 149 -11.49 6.05 -23.84
C GLU B 149 -11.73 4.70 -23.10
N GLU B 150 -12.84 4.03 -23.44
CA GLU B 150 -13.15 2.73 -22.82
C GLU B 150 -12.06 1.68 -23.07
N LYS B 151 -11.65 1.57 -24.33
CA LYS B 151 -10.58 0.66 -24.72
C LYS B 151 -9.26 0.98 -23.99
N GLU B 152 -8.92 2.27 -23.91
CA GLU B 152 -7.70 2.71 -23.24
C GLU B 152 -7.72 2.51 -21.74
N ALA B 153 -8.88 2.72 -21.10
CA ALA B 153 -9.06 2.42 -19.67
C ALA B 153 -8.74 0.95 -19.35
N CYS B 154 -9.23 0.04 -20.20
CA CYS B 154 -8.95 -1.37 -20.09
C CYS B 154 -7.46 -1.69 -20.27
N ARG B 155 -6.84 -1.04 -21.26
CA ARG B 155 -5.40 -1.20 -21.49
C ARG B 155 -4.61 -0.66 -20.32
N ARG B 156 -5.01 0.49 -19.81
CA ARG B 156 -4.29 1.12 -18.75
C ARG B 156 -4.19 0.30 -17.45
N LEU B 157 -5.30 -0.38 -17.10
CA LEU B 157 -5.40 -1.28 -15.97
C LEU B 157 -4.33 -2.37 -16.07
N GLY B 158 -4.21 -2.98 -17.24
CA GLY B 158 -3.19 -3.99 -17.50
C GLY B 158 -1.79 -3.45 -17.37
N ARG B 159 -1.55 -2.29 -17.98
CA ARG B 159 -0.28 -1.55 -17.88
C ARG B 159 0.13 -1.39 -16.43
N ARG B 160 -0.70 -0.69 -15.67
CA ARG B 160 -0.39 -0.35 -14.28
C ARG B 160 -0.15 -1.61 -13.45
N LEU B 161 -0.89 -2.66 -13.75
CA LEU B 161 -0.70 -3.97 -13.14
C LEU B 161 0.71 -4.49 -13.42
N ALA B 162 1.11 -4.47 -14.70
CA ALA B 162 2.43 -4.88 -15.14
C ALA B 162 3.49 -4.02 -14.49
N GLU B 163 3.22 -2.72 -14.46
CA GLU B 163 4.14 -1.78 -13.84
C GLU B 163 4.37 -2.04 -12.35
N TRP B 164 3.28 -2.28 -11.62
CA TRP B 164 3.37 -2.59 -10.19
C TRP B 164 4.10 -3.91 -9.93
N VAL B 165 3.85 -4.91 -10.78
CA VAL B 165 4.62 -6.15 -10.72
C VAL B 165 6.13 -5.86 -10.98
N ALA B 166 6.43 -5.03 -11.98
CA ALA B 166 7.79 -4.66 -12.33
C ALA B 166 8.49 -3.93 -11.20
N ILE B 167 7.79 -3.00 -10.55
CA ILE B 167 8.41 -2.17 -9.52
C ILE B 167 8.58 -2.95 -8.23
N PHE B 168 7.54 -3.66 -7.82
CA PHE B 168 7.46 -4.30 -6.51
C PHE B 168 7.89 -5.75 -6.44
N VAL B 169 7.68 -6.51 -7.51
CA VAL B 169 8.14 -7.90 -7.56
C VAL B 169 9.51 -8.00 -8.24
N ASP B 170 9.65 -7.37 -9.41
CA ASP B 170 10.87 -7.44 -10.22
C ASP B 170 11.94 -6.45 -9.81
N GLY B 171 11.62 -5.55 -8.90
CA GLY B 171 12.61 -4.65 -8.31
C GLY B 171 13.04 -3.49 -9.20
N ARG B 172 12.16 -3.02 -10.07
CA ARG B 172 12.50 -1.89 -10.96
C ARG B 172 12.04 -0.52 -10.45
N LYS B 173 12.80 -0.01 -9.50
CA LYS B 173 12.45 1.16 -8.71
C LYS B 173 12.45 2.48 -9.49
N GLU B 174 13.22 2.54 -10.57
CA GLU B 174 13.23 3.73 -11.42
C GLU B 174 11.90 3.99 -12.13
N LEU B 175 11.06 2.96 -12.27
CA LEU B 175 9.78 3.17 -12.96
C LEU B 175 8.81 3.98 -12.12
N LEU B 176 8.92 3.85 -10.79
CA LEU B 176 7.98 4.47 -9.85
C LEU B 176 7.86 5.98 -10.03
N GLU B 177 9.01 6.66 -10.01
CA GLU B 177 9.04 8.12 -10.12
C GLU B 177 8.68 8.57 -11.53
N LYS B 178 9.02 7.75 -12.52
CA LYS B 178 8.67 8.00 -13.92
C LYS B 178 7.14 8.00 -14.14
N ILE B 179 6.47 7.03 -13.54
CA ILE B 179 5.02 6.95 -13.56
C ILE B 179 4.44 8.13 -12.80
N ARG B 180 4.97 8.42 -11.60
CA ARG B 180 4.39 9.45 -10.74
C ARG B 180 4.35 10.83 -11.38
N LYS B 181 5.38 11.13 -12.17
CA LYS B 181 5.57 12.46 -12.72
C LYS B 181 5.19 12.54 -14.21
N ASP B 182 4.57 11.48 -14.73
CA ASP B 182 4.22 11.41 -16.16
C ASP B 182 2.93 12.18 -16.47
N PRO B 183 3.04 13.31 -17.23
CA PRO B 183 1.90 14.18 -17.59
C PRO B 183 0.86 13.48 -18.45
N ALA B 184 1.27 12.46 -19.20
CA ALA B 184 0.39 11.74 -20.11
C ALA B 184 -0.65 10.89 -19.39
N ARG B 185 -0.48 10.72 -18.08
CA ARG B 185 -1.40 9.90 -17.32
C ARG B 185 -2.74 10.62 -17.15
N PHE B 186 -2.78 11.91 -17.48
CA PHE B 186 -3.98 12.74 -17.28
C PHE B 186 -4.37 13.50 -18.52
N VAL B 187 -5.39 13.00 -19.21
CA VAL B 187 -6.00 13.69 -20.35
C VAL B 187 -6.95 14.73 -19.84
N ALA C 3 -53.92 13.37 0.07
CA ALA C 3 -52.50 13.07 -0.76
C ALA C 3 -51.37 13.82 -0.01
N GLY C 5 -46.96 13.95 1.52
CA GLY C 5 -45.56 13.54 1.58
C GLY C 5 -44.61 14.66 1.97
N LYS C 6 -43.60 14.30 2.78
CA LYS C 6 -42.59 15.26 3.21
C LYS C 6 -41.19 14.78 2.79
N VAL C 7 -40.58 15.47 1.84
CA VAL C 7 -39.26 15.09 1.30
C VAL C 7 -38.19 16.17 1.53
N LEU C 8 -37.08 15.77 2.11
CA LEU C 8 -35.96 16.66 2.30
C LEU C 8 -34.85 16.26 1.34
N VAL C 9 -34.38 17.20 0.53
CA VAL C 9 -33.20 17.01 -0.31
C VAL C 9 -32.08 17.86 0.27
N ILE C 10 -31.00 17.21 0.69
CA ILE C 10 -29.92 17.92 1.31
C ILE C 10 -28.64 17.61 0.55
N TYR C 11 -27.76 18.59 0.40
CA TYR C 11 -26.61 18.38 -0.46
C TYR C 11 -25.42 19.19 0.02
N ASP C 12 -24.24 18.72 -0.35
CA ASP C 12 -23.03 19.51 -0.29
C ASP C 12 -22.61 19.70 -1.75
N THR C 13 -21.91 20.78 -2.01
CA THR C 13 -21.34 21.05 -3.33
C THR C 13 -20.07 21.89 -3.14
N ARG C 14 -19.11 21.71 -4.01
CA ARG C 14 -17.90 22.53 -3.98
C ARG C 14 -17.97 23.46 -5.18
N THR C 15 -18.47 22.93 -6.27
CA THR C 15 -18.30 23.52 -7.58
C THR C 15 -19.66 23.89 -8.24
N GLY C 16 -20.76 23.41 -7.63
CA GLY C 16 -22.11 23.68 -8.13
C GLY C 16 -22.78 22.47 -8.76
N ASN C 17 -21.97 21.47 -9.15
CA ASN C 17 -22.46 20.29 -9.88
C ASN C 17 -23.50 19.48 -9.16
N THR C 18 -23.28 19.26 -7.87
CA THR C 18 -24.16 18.45 -7.07
C THR C 18 -25.41 19.24 -6.74
N LYS C 19 -25.25 20.56 -6.61
CA LYS C 19 -26.38 21.48 -6.42
C LYS C 19 -27.34 21.38 -7.61
N LYS C 20 -26.78 21.45 -8.81
CA LYS C 20 -27.56 21.25 -10.04
C LYS C 20 -28.34 19.93 -9.99
N ALA C 22 -29.24 18.24 -7.14
CA ALA C 22 -30.21 18.38 -6.04
C ALA C 22 -31.49 19.10 -6.48
N GLU C 23 -31.31 20.18 -7.24
CA GLU C 23 -32.43 20.92 -7.80
C GLU C 23 -33.33 20.02 -8.66
N LEU C 24 -32.72 19.13 -9.45
CA LEU C 24 -33.47 18.19 -10.27
C LEU C 24 -34.12 17.06 -9.46
N VAL C 25 -33.41 16.58 -8.43
CA VAL C 25 -33.98 15.63 -7.46
C VAL C 25 -35.26 16.20 -6.83
N ALA C 26 -35.14 17.40 -6.26
CA ALA C 26 -36.28 18.13 -5.71
C ALA C 26 -37.47 18.24 -6.68
N GLU C 27 -37.21 18.69 -7.90
CA GLU C 27 -38.21 18.77 -8.95
C GLU C 27 -38.91 17.43 -9.16
N GLY C 28 -38.12 16.36 -9.27
CA GLY C 28 -38.69 15.03 -9.41
C GLY C 28 -39.63 14.67 -8.27
N ALA C 29 -39.27 15.08 -7.06
CA ALA C 29 -40.07 14.79 -5.88
C ALA C 29 -41.34 15.62 -5.93
N ARG C 30 -41.21 16.90 -6.24
CA ARG C 30 -42.37 17.77 -6.46
C ARG C 30 -43.33 17.29 -7.56
N SER C 31 -42.78 16.70 -8.62
CA SER C 31 -43.62 16.24 -9.73
C SER C 31 -44.73 15.28 -9.27
N LEU C 32 -44.51 14.60 -8.14
CA LEU C 32 -45.57 13.79 -7.51
C LEU C 32 -46.49 14.64 -6.62
N GLU C 33 -47.75 14.62 -7.00
CA GLU C 33 -48.81 15.44 -6.45
C GLU C 33 -49.05 15.22 -4.93
N GLY C 34 -49.00 16.31 -4.17
CA GLY C 34 -49.18 16.27 -2.72
C GLY C 34 -47.88 16.21 -1.93
N THR C 35 -46.75 16.08 -2.64
CA THR C 35 -45.42 16.01 -2.02
C THR C 35 -44.91 17.42 -1.71
N GLU C 36 -44.60 17.66 -0.44
CA GLU C 36 -43.91 18.89 -0.03
C GLU C 36 -42.40 18.57 -0.01
N VAL C 37 -41.60 19.51 -0.49
CA VAL C 37 -40.17 19.28 -0.68
C VAL C 37 -39.37 20.45 -0.11
N ARG C 38 -38.37 20.14 0.74
CA ARG C 38 -37.40 21.14 1.16
C ARG C 38 -36.08 20.84 0.48
N LEU C 39 -35.45 21.88 -0.06
CA LEU C 39 -34.13 21.79 -0.66
C LEU C 39 -33.09 22.58 0.18
N LYS C 40 -32.20 21.87 0.88
CA LYS C 40 -31.22 22.52 1.76
C LYS C 40 -29.78 22.11 1.45
N HIS C 41 -28.91 23.11 1.37
CA HIS C 41 -27.46 22.94 1.47
C HIS C 41 -27.16 22.48 2.91
N VAL C 42 -26.12 21.67 3.13
CA VAL C 42 -25.76 21.23 4.51
C VAL C 42 -25.54 22.38 5.46
N ASP C 43 -25.12 23.53 4.92
CA ASP C 43 -24.80 24.67 5.76
C ASP C 43 -26.07 25.32 6.35
N GLU C 44 -27.22 25.12 5.72
CA GLU C 44 -28.46 25.68 6.20
C GLU C 44 -29.44 24.63 6.70
N ALA C 45 -29.06 23.36 6.52
CA ALA C 45 -29.85 22.23 7.00
C ALA C 45 -29.81 22.19 8.54
N THR C 46 -30.91 21.76 9.16
CA THR C 46 -31.03 21.66 10.63
C THR C 46 -31.56 20.28 11.03
N LYS C 47 -31.38 19.89 12.29
CA LYS C 47 -31.92 18.60 12.73
C LYS C 47 -33.46 18.55 12.69
N GLU C 48 -34.10 19.73 12.72
CA GLU C 48 -35.56 19.84 12.64
C GLU C 48 -36.09 19.56 11.21
N ASP C 49 -35.30 19.88 10.19
CA ASP C 49 -35.52 19.40 8.80
C ASP C 49 -35.59 17.88 8.68
N VAL C 50 -34.60 17.19 9.25
CA VAL C 50 -34.54 15.74 9.24
C VAL C 50 -35.70 15.15 10.05
N LEU C 51 -36.11 15.82 11.12
CA LEU C 51 -37.27 15.39 11.89
C LEU C 51 -38.57 15.61 11.14
N TRP C 52 -38.64 16.70 10.37
CA TRP C 52 -39.81 17.00 9.54
C TRP C 52 -39.97 15.99 8.39
N ALA C 53 -38.86 15.54 7.84
CA ALA C 53 -38.85 14.70 6.65
C ALA C 53 -39.39 13.26 6.84
N ASP C 54 -40.20 12.80 5.90
CA ASP C 54 -40.52 11.37 5.80
C ASP C 54 -39.46 10.63 5.01
N GLY C 55 -38.92 11.31 4.00
CA GLY C 55 -37.92 10.76 3.10
C GLY C 55 -36.84 11.78 2.79
N LEU C 56 -35.63 11.28 2.55
CA LEU C 56 -34.45 12.12 2.32
C LEU C 56 -33.68 11.67 1.09
N ALA C 57 -33.15 12.64 0.34
CA ALA C 57 -32.18 12.38 -0.73
C ALA C 57 -30.95 13.18 -0.36
N VAL C 58 -29.83 12.51 -0.21
CA VAL C 58 -28.64 13.12 0.38
C VAL C 58 -27.57 13.11 -0.71
N GLY C 59 -27.03 14.29 -1.00
CA GLY C 59 -26.10 14.48 -2.13
C GLY C 59 -24.74 15.06 -1.78
N SER C 60 -23.67 14.44 -2.27
CA SER C 60 -22.34 14.97 -2.06
C SER C 60 -21.52 14.87 -3.36
N PRO C 61 -20.56 15.78 -3.57
CA PRO C 61 -19.56 15.47 -4.57
C PRO C 61 -18.86 14.15 -4.22
N THR C 62 -18.33 13.44 -5.21
CA THR C 62 -17.52 12.29 -4.95
C THR C 62 -16.15 12.82 -4.50
N ASN C 63 -15.80 12.63 -3.23
CA ASN C 63 -14.50 13.13 -2.76
C ASN C 63 -13.66 11.96 -2.27
N GLY C 65 -13.78 9.09 -3.52
CA GLY C 65 -14.76 7.97 -3.53
C GLY C 65 -15.79 7.95 -2.41
N LEU C 66 -15.85 9.01 -1.60
CA LEU C 66 -16.74 9.10 -0.45
C LEU C 66 -17.49 10.42 -0.35
N VAL C 67 -18.54 10.45 0.48
CA VAL C 67 -19.16 11.70 0.97
C VAL C 67 -18.11 12.70 1.36
N SER C 68 -18.39 13.97 1.12
CA SER C 68 -17.47 15.03 1.50
C SER C 68 -17.29 15.04 3.03
N TRP C 69 -16.19 15.61 3.50
CA TRP C 69 -16.01 15.77 4.93
C TRP C 69 -17.05 16.71 5.59
N LYS C 70 -17.50 17.74 4.86
CA LYS C 70 -18.53 18.70 5.36
C LYS C 70 -19.87 18.03 5.62
N LYS C 72 -20.25 14.73 6.15
CA LYS C 72 -19.89 13.86 7.28
C LYS C 72 -19.90 14.58 8.65
N ARG C 73 -19.31 15.79 8.74
CA ARG C 73 -19.37 16.60 9.93
C ARG C 73 -20.81 16.82 10.34
N PHE C 74 -21.64 17.16 9.35
CA PHE C 74 -23.03 17.50 9.61
C PHE C 74 -23.76 16.31 10.26
N PHE C 75 -23.51 15.13 9.73
CA PHE C 75 -24.09 13.93 10.29
C PHE C 75 -23.54 13.58 11.66
N ASP C 76 -22.21 13.54 11.79
CA ASP C 76 -21.57 13.24 13.05
C ASP C 76 -22.01 14.28 14.14
N ASP C 77 -21.89 15.58 13.86
CA ASP C 77 -22.05 16.63 14.87
C ASP C 77 -23.46 17.14 15.09
N VAL C 78 -24.21 17.41 14.04
CA VAL C 78 -25.52 17.94 14.29
C VAL C 78 -26.62 16.89 14.39
N LEU C 79 -26.70 15.95 13.45
CA LEU C 79 -27.73 14.92 13.51
C LEU C 79 -27.37 13.81 14.49
N GLY C 80 -26.12 13.81 14.95
CA GLY C 80 -25.66 12.80 15.89
C GLY C 80 -26.58 12.61 17.08
N ASP C 81 -26.99 13.71 17.70
CA ASP C 81 -27.87 13.65 18.87
C ASP C 81 -29.23 12.92 18.61
N LEU C 82 -29.62 12.83 17.35
CA LEU C 82 -30.86 12.17 16.96
C LEU C 82 -30.73 10.66 16.79
N TRP C 83 -29.50 10.13 16.93
CA TRP C 83 -29.26 8.74 16.63
C TRP C 83 -30.02 7.81 17.60
N GLY C 84 -30.75 6.85 17.05
CA GLY C 84 -31.42 5.86 17.88
C GLY C 84 -32.90 6.13 18.02
N GLU C 85 -33.34 7.29 17.52
CA GLU C 85 -34.72 7.72 17.64
C GLU C 85 -35.33 8.24 16.33
N ILE C 86 -34.64 8.05 15.22
CA ILE C 86 -35.22 8.44 13.93
C ILE C 86 -35.29 7.29 12.91
N ASP C 87 -35.19 6.05 13.41
CA ASP C 87 -35.21 4.87 12.56
C ASP C 87 -36.46 4.88 11.69
N GLY C 88 -36.39 4.30 10.50
CA GLY C 88 -37.58 4.15 9.65
C GLY C 88 -37.88 5.34 8.73
N LYS C 89 -37.02 6.36 8.74
CA LYS C 89 -37.12 7.38 7.71
C LYS C 89 -36.65 6.70 6.43
N ILE C 90 -37.10 7.19 5.28
CA ILE C 90 -36.75 6.56 4.01
C ILE C 90 -35.73 7.45 3.28
N ALA C 91 -34.64 6.88 2.77
CA ALA C 91 -33.57 7.72 2.20
C ALA C 91 -32.89 7.09 1.00
N CYS C 92 -32.27 7.92 0.16
CA CYS C 92 -31.51 7.51 -1.03
C CYS C 92 -30.38 8.51 -1.21
N ALA C 93 -29.53 8.27 -2.21
CA ALA C 93 -28.29 9.01 -2.42
C ALA C 93 -28.08 9.52 -3.86
N PHE C 94 -27.30 10.59 -3.99
CA PHE C 94 -26.79 10.99 -5.30
C PHE C 94 -25.38 11.62 -5.24
N SER C 95 -24.67 11.63 -6.37
CA SER C 95 -23.29 12.11 -6.37
C SER C 95 -22.76 12.55 -7.75
N SER C 96 -22.04 13.67 -7.77
CA SER C 96 -21.32 14.07 -8.95
C SER C 96 -19.81 13.84 -8.74
N SER C 97 -19.16 13.28 -9.75
CA SER C 97 -17.72 12.97 -9.68
C SER C 97 -17.02 13.62 -10.85
N GLY C 98 -15.69 13.61 -10.85
CA GLY C 98 -14.88 14.19 -11.92
C GLY C 98 -14.87 13.37 -13.21
N GLY C 99 -14.93 12.05 -13.08
CA GLY C 99 -14.98 11.20 -14.26
C GLY C 99 -15.88 10.00 -14.06
N TRP C 100 -16.32 9.42 -15.18
CA TRP C 100 -16.93 8.12 -15.16
C TRP C 100 -15.82 7.12 -14.78
N GLY C 101 -16.16 6.22 -13.85
CA GLY C 101 -15.19 5.28 -13.27
C GLY C 101 -14.38 5.93 -12.17
N GLY C 102 -14.83 7.11 -11.75
CA GLY C 102 -14.18 7.91 -10.73
C GLY C 102 -14.72 7.72 -9.32
N GLY C 103 -15.68 6.83 -9.14
CA GLY C 103 -16.10 6.54 -7.77
C GLY C 103 -17.45 7.07 -7.40
N ASN C 104 -18.25 7.52 -8.35
CA ASN C 104 -19.58 8.04 -7.97
C ASN C 104 -20.56 7.03 -7.36
N GLU C 105 -20.46 5.74 -7.70
CA GLU C 105 -21.37 4.75 -7.08
C GLU C 105 -20.90 4.39 -5.69
N VAL C 106 -19.58 4.39 -5.52
CA VAL C 106 -18.94 4.12 -4.26
C VAL C 106 -19.27 5.25 -3.28
N ALA C 107 -19.22 6.50 -3.76
CA ALA C 107 -19.63 7.68 -2.95
C ALA C 107 -21.08 7.54 -2.50
N CYS C 108 -21.97 7.21 -3.42
CA CYS C 108 -23.37 6.86 -3.07
C CYS C 108 -23.46 5.74 -2.00
N SER C 110 -21.38 5.01 0.28
CA SER C 110 -20.94 5.62 1.54
C SER C 110 -21.99 6.53 2.15
N ILE C 111 -22.71 7.28 1.34
CA ILE C 111 -23.90 7.97 1.84
C ILE C 111 -24.96 7.01 2.40
N LEU C 112 -25.24 5.91 1.69
CA LEU C 112 -26.26 4.94 2.14
C LEU C 112 -25.85 4.22 3.42
N THR C 113 -24.57 3.92 3.54
CA THR C 113 -23.96 3.39 4.73
C THR C 113 -24.22 4.29 5.94
N LEU C 115 -26.59 6.60 6.17
CA LEU C 115 -28.04 6.68 6.39
C LEU C 115 -28.59 5.42 7.04
N ASN C 117 -27.04 3.63 9.10
CA ASN C 117 -26.62 3.72 10.48
C ASN C 117 -27.66 4.44 11.32
N PHE C 118 -28.42 5.36 10.72
CA PHE C 118 -29.50 6.01 11.46
C PHE C 118 -30.78 5.16 11.56
N GLY C 119 -30.76 3.94 11.03
CA GLY C 119 -31.91 3.02 11.01
C GLY C 119 -32.90 3.32 9.89
N PHE C 120 -32.45 4.10 8.91
CA PHE C 120 -33.29 4.44 7.74
C PHE C 120 -33.47 3.24 6.83
N LEU C 121 -34.60 3.18 6.15
CA LEU C 121 -34.82 2.27 5.05
C LEU C 121 -34.24 2.98 3.81
N VAL C 122 -33.41 2.26 3.07
CA VAL C 122 -32.52 2.86 2.08
C VAL C 122 -32.69 2.14 0.75
N PHE C 123 -32.61 2.88 -0.37
CA PHE C 123 -32.89 2.27 -1.69
C PHE C 123 -32.14 2.96 -2.85
N GLY C 124 -32.09 2.24 -3.97
CA GLY C 124 -31.73 2.79 -5.29
C GLY C 124 -32.87 2.58 -6.26
N VAL C 125 -32.65 2.98 -7.53
CA VAL C 125 -33.70 2.92 -8.56
C VAL C 125 -33.27 2.00 -9.71
N THR C 126 -34.13 1.02 -10.03
CA THR C 126 -33.92 0.10 -11.15
C THR C 126 -34.03 0.72 -12.56
N ASP C 127 -34.89 1.74 -12.68
CA ASP C 127 -35.24 2.36 -13.96
C ASP C 127 -34.08 2.68 -14.89
N TYR C 128 -34.23 2.31 -16.17
CA TYR C 128 -33.36 2.81 -17.25
C TYR C 128 -33.98 4.07 -17.88
N VAL C 129 -33.34 5.18 -17.57
CA VAL C 129 -33.78 6.50 -17.93
C VAL C 129 -33.19 6.82 -19.32
N GLY C 130 -32.12 6.11 -19.66
CA GLY C 130 -31.55 6.07 -21.00
C GLY C 130 -31.15 4.63 -21.34
N LYS C 131 -30.86 4.38 -22.60
CA LYS C 131 -30.59 3.04 -23.10
C LYS C 131 -29.47 2.34 -22.31
N LYS C 132 -28.42 3.09 -21.96
CA LYS C 132 -27.34 2.57 -21.11
C LYS C 132 -27.08 3.52 -19.93
N PHE C 133 -28.17 4.05 -19.39
CA PHE C 133 -28.11 4.98 -18.31
C PHE C 133 -29.17 4.61 -17.25
N THR C 134 -28.72 4.44 -16.00
CA THR C 134 -29.55 4.05 -14.86
C THR C 134 -29.06 4.66 -13.54
N LEU C 135 -29.60 4.24 -12.39
CA LEU C 135 -29.24 4.83 -11.10
C LEU C 135 -29.47 3.86 -9.97
N HIS C 136 -28.85 2.68 -10.08
CA HIS C 136 -29.10 1.57 -9.12
C HIS C 136 -28.80 1.83 -7.63
N TYR C 137 -27.88 2.76 -7.34
CA TYR C 137 -27.39 3.02 -5.96
C TYR C 137 -27.58 4.49 -5.59
N GLY C 138 -28.28 5.20 -6.49
CA GLY C 138 -28.44 6.64 -6.47
C GLY C 138 -28.15 7.20 -7.85
N ALA C 139 -28.56 8.44 -8.06
CA ALA C 139 -28.27 9.15 -9.30
C ALA C 139 -26.79 9.52 -9.28
N VAL C 140 -26.08 9.23 -10.38
CA VAL C 140 -24.68 9.61 -10.50
C VAL C 140 -24.37 10.28 -11.83
N VAL C 141 -23.51 11.27 -11.81
CA VAL C 141 -23.12 12.01 -13.03
C VAL C 141 -21.63 12.31 -12.95
N ALA C 142 -20.97 12.44 -14.10
CA ALA C 142 -19.61 13.01 -14.14
C ALA C 142 -19.73 14.48 -14.44
N GLY C 143 -19.33 15.34 -13.51
CA GLY C 143 -19.50 16.79 -13.67
C GLY C 143 -20.93 17.26 -13.56
N GLU C 144 -21.30 18.27 -14.33
CA GLU C 144 -22.66 18.83 -14.30
C GLU C 144 -23.64 17.98 -15.12
N PRO C 145 -24.87 17.74 -14.58
CA PRO C 145 -25.87 17.03 -15.40
C PRO C 145 -26.36 17.88 -16.58
N ARG C 146 -25.86 17.58 -17.77
CA ARG C 146 -26.21 18.37 -18.95
C ARG C 146 -27.11 17.62 -19.92
N SER C 147 -26.79 16.36 -20.19
CA SER C 147 -27.60 15.53 -21.09
C SER C 147 -28.99 15.24 -20.54
N GLU C 148 -29.89 14.88 -21.44
CA GLU C 148 -31.26 14.55 -21.08
C GLU C 148 -31.39 13.32 -20.14
N GLU C 149 -30.52 12.32 -20.35
CA GLU C 149 -30.38 11.14 -19.48
C GLU C 149 -30.02 11.53 -18.06
N GLU C 150 -28.99 12.36 -17.95
CA GLU C 150 -28.47 12.85 -16.68
C GLU C 150 -29.52 13.61 -15.88
N LYS C 151 -30.16 14.60 -16.51
CA LYS C 151 -31.15 15.40 -15.80
C LYS C 151 -32.34 14.54 -15.33
N GLU C 152 -32.71 13.55 -16.13
CA GLU C 152 -33.83 12.67 -15.84
C GLU C 152 -33.47 11.63 -14.75
N ALA C 153 -32.21 11.18 -14.76
CA ALA C 153 -31.70 10.32 -13.70
C ALA C 153 -31.95 10.99 -12.35
N CYS C 154 -31.59 12.27 -12.24
CA CYS C 154 -31.83 13.05 -11.03
C CYS C 154 -33.31 13.19 -10.72
N ARG C 155 -34.10 13.58 -11.71
CA ARG C 155 -35.54 13.71 -11.52
C ARG C 155 -36.11 12.41 -10.95
N ARG C 156 -35.72 11.28 -11.55
CA ARG C 156 -36.31 9.98 -11.24
C ARG C 156 -36.09 9.50 -9.79
N LEU C 157 -34.88 9.76 -9.26
CA LEU C 157 -34.55 9.58 -7.85
C LEU C 157 -35.56 10.34 -6.97
N GLY C 158 -35.69 11.64 -7.25
CA GLY C 158 -36.65 12.48 -6.53
C GLY C 158 -38.04 11.90 -6.64
N ARG C 159 -38.39 11.46 -7.85
CA ARG C 159 -39.71 10.90 -8.16
C ARG C 159 -39.94 9.57 -7.44
N ARG C 160 -38.95 8.69 -7.42
CA ARG C 160 -39.11 7.42 -6.72
C ARG C 160 -39.21 7.56 -5.18
N LEU C 161 -38.46 8.50 -4.59
CA LEU C 161 -38.54 8.83 -3.14
C LEU C 161 -39.93 9.27 -2.77
N ALA C 162 -40.45 10.24 -3.54
CA ALA C 162 -41.79 10.75 -3.34
C ALA C 162 -42.79 9.59 -3.38
N GLU C 163 -42.63 8.69 -4.36
CA GLU C 163 -43.45 7.49 -4.48
C GLU C 163 -43.31 6.50 -3.33
N TRP C 164 -42.07 6.22 -2.89
CA TRP C 164 -41.90 5.35 -1.72
C TRP C 164 -42.59 5.96 -0.50
N VAL C 165 -42.45 7.28 -0.31
CA VAL C 165 -43.15 7.96 0.77
C VAL C 165 -44.66 7.93 0.62
N ALA C 166 -45.15 8.03 -0.63
CA ALA C 166 -46.60 8.01 -0.88
C ALA C 166 -47.18 6.62 -0.63
N ILE C 167 -46.42 5.58 -0.95
CA ILE C 167 -46.88 4.21 -0.75
C ILE C 167 -46.74 3.78 0.69
N PHE C 168 -45.59 4.09 1.31
CA PHE C 168 -45.23 3.50 2.61
C PHE C 168 -45.57 4.35 3.84
N VAL C 169 -45.58 5.68 3.68
CA VAL C 169 -45.95 6.56 4.79
C VAL C 169 -47.44 6.95 4.66
N ASP C 170 -47.80 7.36 3.45
CA ASP C 170 -49.11 7.86 3.13
C ASP C 170 -50.08 6.72 2.75
N GLY C 171 -49.57 5.51 2.55
CA GLY C 171 -50.43 4.34 2.43
C GLY C 171 -51.17 4.21 1.11
N ARG C 172 -50.61 4.78 0.04
CA ARG C 172 -51.21 4.69 -1.30
C ARG C 172 -50.76 3.42 -2.02
N LYS C 173 -51.16 2.28 -1.45
CA LYS C 173 -50.73 0.94 -1.89
C LYS C 173 -50.96 0.70 -3.37
N GLU C 174 -52.01 1.31 -3.93
CA GLU C 174 -52.36 1.22 -5.36
C GLU C 174 -51.21 1.60 -6.30
N LEU C 175 -50.49 2.68 -5.97
CA LEU C 175 -49.29 3.10 -6.73
C LEU C 175 -48.26 1.99 -6.96
N LEU C 176 -47.95 1.21 -5.92
CA LEU C 176 -46.95 0.13 -5.96
C LEU C 176 -46.99 -0.69 -7.25
N GLU C 177 -48.15 -1.29 -7.53
CA GLU C 177 -48.36 -2.13 -8.71
C GLU C 177 -48.32 -1.32 -10.01
N LYS C 178 -48.82 -0.10 -9.96
CA LYS C 178 -48.74 0.78 -11.11
C LYS C 178 -47.27 1.00 -11.54
N ILE C 179 -46.40 1.32 -10.57
CA ILE C 179 -44.95 1.48 -10.78
C ILE C 179 -44.29 0.17 -11.27
N ARG C 180 -44.57 -0.93 -10.58
CA ARG C 180 -44.00 -2.22 -10.92
C ARG C 180 -44.25 -2.67 -12.37
N LYS C 181 -45.39 -2.25 -12.93
CA LYS C 181 -45.78 -2.64 -14.27
C LYS C 181 -45.57 -1.53 -15.29
N ASP C 182 -45.08 -0.36 -14.86
CA ASP C 182 -44.92 0.77 -15.79
C ASP C 182 -43.82 0.58 -16.84
N PRO C 183 -44.21 0.54 -18.13
CA PRO C 183 -43.23 0.32 -19.20
C PRO C 183 -42.35 1.55 -19.47
N ALA C 184 -42.84 2.74 -19.10
CA ALA C 184 -42.08 3.97 -19.26
C ALA C 184 -40.79 3.97 -18.43
N ARG C 185 -40.73 3.09 -17.42
CA ARG C 185 -39.57 2.97 -16.55
C ARG C 185 -38.27 2.50 -17.25
N PHE C 186 -38.43 1.77 -18.36
CA PHE C 186 -37.30 1.21 -19.08
C PHE C 186 -37.27 1.69 -20.51
N VAL C 187 -36.36 2.62 -20.78
CA VAL C 187 -36.24 3.32 -22.06
C VAL C 187 -35.96 2.35 -23.20
N ASP C 188 -36.83 2.40 -24.20
CA ASP C 188 -36.79 1.55 -25.41
C ASP C 188 -37.92 0.54 -25.50
N SER D 1 -61.45 -6.30 5.95
CA SER D 1 -60.03 -6.01 5.16
C SER D 1 -58.92 -6.19 6.23
N ASN D 2 -58.28 -7.37 6.17
CA ASN D 2 -57.49 -7.88 7.29
C ASN D 2 -56.13 -8.46 6.91
N ALA D 3 -55.49 -7.84 5.92
CA ALA D 3 -54.18 -8.26 5.44
C ALA D 3 -53.13 -8.14 6.55
N GLY D 5 -48.64 -9.23 7.82
CA GLY D 5 -47.23 -9.28 7.46
C GLY D 5 -46.79 -10.58 6.85
N LYS D 6 -46.16 -10.49 5.68
CA LYS D 6 -45.58 -11.63 5.01
C LYS D 6 -44.06 -11.44 4.96
N VAL D 7 -43.37 -12.29 5.70
CA VAL D 7 -41.93 -12.24 5.83
C VAL D 7 -41.34 -13.55 5.37
N LEU D 8 -40.39 -13.47 4.44
CA LEU D 8 -39.61 -14.62 4.02
C LEU D 8 -38.19 -14.54 4.59
N VAL D 9 -37.75 -15.63 5.23
CA VAL D 9 -36.35 -15.74 5.65
C VAL D 9 -35.67 -16.80 4.78
N ILE D 10 -34.77 -16.31 3.94
CA ILE D 10 -34.11 -17.18 2.99
C ILE D 10 -32.61 -17.25 3.35
N TYR D 11 -32.04 -18.43 3.40
CA TYR D 11 -30.66 -18.55 3.84
C TYR D 11 -29.94 -19.63 3.03
N ASP D 12 -28.61 -19.50 3.01
CA ASP D 12 -27.71 -20.57 2.61
C ASP D 12 -26.89 -20.92 3.86
N THR D 13 -26.33 -22.12 3.86
CA THR D 13 -25.45 -22.53 4.93
C THR D 13 -24.63 -23.69 4.41
N ARG D 14 -23.44 -23.83 4.97
CA ARG D 14 -22.55 -24.94 4.63
C ARG D 14 -22.33 -25.85 5.82
N THR D 15 -22.29 -25.31 7.04
CA THR D 15 -22.17 -26.20 8.20
C THR D 15 -23.33 -26.10 9.19
N GLY D 16 -24.34 -25.30 8.86
CA GLY D 16 -25.46 -25.11 9.76
C GLY D 16 -25.47 -23.81 10.54
N ASN D 17 -24.34 -23.12 10.65
CA ASN D 17 -24.29 -21.87 11.47
C ASN D 17 -25.33 -20.77 11.14
N THR D 18 -25.43 -20.43 9.84
CA THR D 18 -26.36 -19.44 9.30
C THR D 18 -27.81 -19.93 9.34
N LYS D 19 -28.00 -21.25 9.24
CA LYS D 19 -29.31 -21.85 9.46
C LYS D 19 -29.76 -21.59 10.91
N LYS D 20 -28.90 -21.82 11.90
CA LYS D 20 -29.25 -21.51 13.30
C LYS D 20 -29.65 -20.04 13.48
N ALA D 22 -30.84 -18.14 11.02
CA ALA D 22 -32.06 -18.01 10.22
C ALA D 22 -33.29 -18.38 11.00
N GLU D 23 -33.17 -19.45 11.79
CA GLU D 23 -34.25 -19.95 12.64
C GLU D 23 -34.61 -18.93 13.72
N LEU D 24 -33.59 -18.34 14.32
CA LEU D 24 -33.76 -17.26 15.27
C LEU D 24 -34.28 -15.97 14.60
N VAL D 25 -33.77 -15.63 13.42
CA VAL D 25 -34.36 -14.52 12.64
C VAL D 25 -35.88 -14.74 12.45
N ALA D 26 -36.28 -15.96 12.08
CA ALA D 26 -37.69 -16.31 11.89
C ALA D 26 -38.49 -16.30 13.20
N GLU D 27 -37.90 -16.81 14.27
CA GLU D 27 -38.51 -16.72 15.59
C GLU D 27 -38.82 -15.25 15.92
N GLY D 28 -37.82 -14.39 15.73
CA GLY D 28 -37.97 -12.95 15.99
C GLY D 28 -39.11 -12.32 15.20
N ALA D 29 -39.20 -12.68 13.91
CA ALA D 29 -40.23 -12.17 13.03
C ALA D 29 -41.64 -12.62 13.46
N ARG D 30 -41.75 -13.89 13.85
CA ARG D 30 -43.01 -14.49 14.30
C ARG D 30 -43.49 -13.89 15.61
N SER D 31 -42.59 -13.25 16.36
CA SER D 31 -42.98 -12.66 17.67
C SER D 31 -43.99 -11.51 17.58
N LEU D 32 -44.03 -10.82 16.43
CA LEU D 32 -44.94 -9.70 16.20
C LEU D 32 -46.32 -10.19 15.70
N GLU D 33 -47.39 -9.79 16.41
CA GLU D 33 -48.75 -10.26 16.12
C GLU D 33 -49.10 -10.13 14.66
N GLY D 34 -49.73 -11.17 14.11
CA GLY D 34 -50.15 -11.17 12.71
C GLY D 34 -48.99 -11.03 11.74
N THR D 35 -47.90 -11.74 12.01
CA THR D 35 -46.80 -11.86 11.05
C THR D 35 -46.73 -13.33 10.70
N GLU D 36 -46.93 -13.60 9.41
CA GLU D 36 -46.75 -14.93 8.87
C GLU D 36 -45.34 -15.03 8.23
N VAL D 37 -44.65 -16.13 8.52
CA VAL D 37 -43.25 -16.25 8.21
C VAL D 37 -42.92 -17.56 7.53
N ARG D 38 -42.28 -17.47 6.37
CA ARG D 38 -41.71 -18.64 5.70
C ARG D 38 -40.21 -18.68 5.95
N LEU D 39 -39.71 -19.87 6.26
CA LEU D 39 -38.29 -20.14 6.45
C LEU D 39 -37.81 -21.18 5.42
N LYS D 40 -36.82 -20.81 4.62
CA LYS D 40 -36.43 -21.61 3.46
C LYS D 40 -34.93 -21.56 3.17
N HIS D 41 -34.30 -22.73 3.09
CA HIS D 41 -32.98 -22.88 2.44
C HIS D 41 -33.08 -22.36 1.00
N VAL D 42 -31.98 -21.86 0.41
CA VAL D 42 -31.99 -21.47 -1.04
C VAL D 42 -32.38 -22.58 -1.99
N ASP D 43 -31.92 -23.79 -1.66
CA ASP D 43 -32.18 -24.98 -2.45
C ASP D 43 -33.66 -25.33 -2.55
N GLU D 44 -34.48 -24.81 -1.64
CA GLU D 44 -35.92 -25.07 -1.69
C GLU D 44 -36.82 -23.83 -1.91
N ALA D 45 -36.22 -22.64 -1.98
CA ALA D 45 -36.97 -21.39 -2.14
C ALA D 45 -37.37 -21.24 -3.59
N THR D 46 -38.44 -20.50 -3.85
CA THR D 46 -38.93 -20.35 -5.22
C THR D 46 -39.08 -18.87 -5.50
N LYS D 47 -39.40 -18.51 -6.75
CA LYS D 47 -39.66 -17.10 -7.05
C LYS D 47 -41.03 -16.70 -6.51
N GLU D 48 -41.92 -17.68 -6.40
CA GLU D 48 -43.23 -17.45 -5.79
C GLU D 48 -43.09 -16.99 -4.33
N ASP D 49 -42.10 -17.50 -3.61
CA ASP D 49 -41.83 -17.08 -2.24
C ASP D 49 -41.50 -15.60 -2.17
N VAL D 50 -40.69 -15.15 -3.11
CA VAL D 50 -40.23 -13.76 -3.14
C VAL D 50 -41.40 -12.86 -3.52
N LEU D 51 -42.23 -13.30 -4.46
CA LEU D 51 -43.45 -12.59 -4.85
C LEU D 51 -44.48 -12.50 -3.70
N TRP D 52 -44.57 -13.57 -2.92
CA TRP D 52 -45.44 -13.67 -1.73
C TRP D 52 -45.04 -12.67 -0.63
N ALA D 53 -43.73 -12.44 -0.47
CA ALA D 53 -43.14 -11.68 0.65
C ALA D 53 -43.30 -10.16 0.58
N ASP D 54 -43.64 -9.55 1.72
CA ASP D 54 -43.59 -8.09 1.88
C ASP D 54 -42.16 -7.73 2.31
N GLY D 55 -41.62 -8.59 3.17
CA GLY D 55 -40.30 -8.41 3.75
C GLY D 55 -39.46 -9.66 3.60
N LEU D 56 -38.15 -9.45 3.40
CA LEU D 56 -37.18 -10.54 3.31
C LEU D 56 -36.04 -10.33 4.25
N ALA D 57 -35.57 -11.45 4.81
CA ALA D 57 -34.31 -11.49 5.52
C ALA D 57 -33.45 -12.53 4.81
N VAL D 58 -32.26 -12.11 4.37
CA VAL D 58 -31.46 -12.96 3.47
C VAL D 58 -30.18 -13.27 4.20
N GLY D 59 -29.87 -14.54 4.42
CA GLY D 59 -28.65 -14.85 5.16
C GLY D 59 -27.73 -15.82 4.44
N SER D 60 -26.42 -15.67 4.66
CA SER D 60 -25.39 -16.46 3.98
C SER D 60 -24.15 -16.61 4.87
N PRO D 61 -23.41 -17.73 4.75
CA PRO D 61 -22.06 -17.72 5.34
C PRO D 61 -21.22 -16.61 4.72
N THR D 62 -20.35 -15.97 5.49
CA THR D 62 -19.36 -15.09 4.90
C THR D 62 -18.36 -15.95 4.16
N ASN D 63 -18.33 -15.81 2.83
CA ASN D 63 -17.43 -16.59 2.00
C ASN D 63 -16.54 -15.65 1.20
N GLY D 65 -15.57 -12.81 2.16
CA GLY D 65 -16.08 -11.46 2.39
C GLY D 65 -17.44 -11.17 1.80
N LEU D 66 -18.09 -12.17 1.17
CA LEU D 66 -19.27 -11.97 0.35
C LEU D 66 -20.33 -13.07 0.52
N VAL D 67 -21.55 -12.82 0.03
CA VAL D 67 -22.59 -13.83 -0.16
C VAL D 67 -21.98 -15.06 -0.80
N SER D 68 -22.48 -16.19 -0.34
CA SER D 68 -22.38 -17.50 -0.95
C SER D 68 -22.48 -17.45 -2.48
N TRP D 69 -21.69 -18.26 -3.18
CA TRP D 69 -21.92 -18.42 -4.61
C TRP D 69 -23.29 -19.07 -4.89
N LYS D 70 -23.75 -19.97 -4.01
CA LYS D 70 -25.08 -20.55 -4.12
C LYS D 70 -26.20 -19.53 -3.95
N LYS D 72 -25.88 -16.21 -4.47
CA LYS D 72 -25.71 -15.40 -5.67
C LYS D 72 -26.36 -16.06 -6.92
N ARG D 73 -26.06 -17.34 -7.13
CA ARG D 73 -26.63 -18.12 -8.23
C ARG D 73 -28.16 -18.09 -8.25
N PHE D 74 -28.77 -18.20 -7.08
CA PHE D 74 -30.22 -18.12 -6.93
C PHE D 74 -30.86 -16.76 -7.35
N PHE D 75 -30.25 -15.65 -6.96
CA PHE D 75 -30.66 -14.31 -7.39
C PHE D 75 -30.44 -14.05 -8.89
N ASP D 76 -29.26 -14.40 -9.41
CA ASP D 76 -28.94 -14.16 -10.81
C ASP D 76 -29.84 -15.03 -11.67
N ASP D 77 -29.96 -16.32 -11.31
CA ASP D 77 -30.50 -17.30 -12.26
C ASP D 77 -31.97 -17.67 -12.05
N VAL D 78 -32.45 -17.63 -10.81
CA VAL D 78 -33.89 -17.87 -10.64
C VAL D 78 -34.73 -16.62 -10.37
N LEU D 79 -34.19 -15.65 -9.63
CA LEU D 79 -34.92 -14.41 -9.39
C LEU D 79 -34.75 -13.34 -10.47
N GLY D 80 -33.75 -13.49 -11.32
CA GLY D 80 -33.45 -12.48 -12.32
C GLY D 80 -34.61 -12.08 -13.21
N ASP D 81 -35.50 -13.03 -13.53
CA ASP D 81 -36.64 -12.77 -14.43
C ASP D 81 -37.65 -11.78 -13.78
N LEU D 82 -37.52 -11.55 -12.47
CA LEU D 82 -38.40 -10.65 -11.73
C LEU D 82 -37.82 -9.24 -11.61
N TRP D 83 -36.56 -9.12 -12.01
CA TRP D 83 -35.89 -7.85 -11.99
C TRP D 83 -36.70 -6.77 -12.74
N GLY D 84 -36.94 -5.66 -12.05
CA GLY D 84 -37.62 -4.54 -12.66
C GLY D 84 -39.09 -4.48 -12.35
N GLU D 85 -39.62 -5.50 -11.66
CA GLU D 85 -41.05 -5.56 -11.37
C GLU D 85 -41.40 -5.98 -9.94
N ILE D 86 -40.40 -6.07 -9.07
CA ILE D 86 -40.65 -6.33 -7.64
C ILE D 86 -40.10 -5.23 -6.71
N ASP D 87 -39.91 -4.05 -7.26
CA ASP D 87 -39.47 -2.90 -6.49
C ASP D 87 -40.36 -2.62 -5.30
N GLY D 88 -39.74 -2.26 -4.19
CA GLY D 88 -40.52 -1.82 -3.04
C GLY D 88 -40.68 -2.86 -1.97
N LYS D 89 -40.12 -4.04 -2.18
CA LYS D 89 -39.98 -4.97 -1.06
C LYS D 89 -38.97 -4.42 -0.02
N ILE D 90 -39.12 -4.87 1.22
CA ILE D 90 -38.35 -4.40 2.37
C ILE D 90 -37.46 -5.58 2.75
N ALA D 91 -36.16 -5.34 2.89
CA ALA D 91 -35.22 -6.45 3.04
C ALA D 91 -33.97 -6.11 3.87
N CYS D 92 -33.40 -7.15 4.46
CA CYS D 92 -32.20 -7.00 5.32
C CYS D 92 -31.38 -8.27 5.18
N ALA D 93 -30.23 -8.30 5.85
CA ALA D 93 -29.17 -9.28 5.59
C ALA D 93 -28.66 -9.85 6.88
N PHE D 94 -28.13 -11.08 6.84
CA PHE D 94 -27.46 -11.63 8.02
C PHE D 94 -26.41 -12.62 7.59
N SER D 95 -25.39 -12.79 8.42
CA SER D 95 -24.26 -13.63 8.02
C SER D 95 -23.48 -14.16 9.19
N SER D 96 -22.97 -15.37 9.03
CA SER D 96 -22.09 -15.99 10.00
C SER D 96 -20.71 -16.16 9.38
N SER D 97 -19.66 -15.78 10.10
CA SER D 97 -18.28 -15.90 9.61
C SER D 97 -17.41 -16.79 10.51
N GLY D 98 -16.21 -17.12 10.03
CA GLY D 98 -15.30 -17.96 10.79
C GLY D 98 -14.64 -17.23 11.95
N GLY D 99 -14.67 -15.90 11.92
CA GLY D 99 -13.99 -15.10 12.91
C GLY D 99 -14.50 -13.68 12.92
N TRP D 100 -14.53 -13.09 14.10
CA TRP D 100 -14.66 -11.65 14.24
C TRP D 100 -13.49 -10.95 13.50
N GLY D 101 -13.83 -9.87 12.79
CA GLY D 101 -12.90 -9.19 11.89
C GLY D 101 -12.68 -9.97 10.60
N GLY D 102 -13.59 -10.90 10.34
CA GLY D 102 -13.47 -11.85 9.26
C GLY D 102 -14.32 -11.51 8.06
N GLY D 103 -15.06 -10.41 8.12
CA GLY D 103 -15.77 -9.93 6.96
C GLY D 103 -17.28 -10.09 6.97
N ASN D 104 -17.87 -10.29 8.15
CA ASN D 104 -19.30 -10.57 8.20
C ASN D 104 -20.16 -9.36 7.88
N GLU D 105 -19.69 -8.17 8.27
CA GLU D 105 -20.42 -6.93 7.95
C GLU D 105 -20.30 -6.66 6.48
N VAL D 106 -19.13 -6.95 5.91
CA VAL D 106 -18.92 -6.79 4.49
C VAL D 106 -19.81 -7.79 3.71
N ALA D 107 -19.91 -9.02 4.20
CA ALA D 107 -20.77 -10.02 3.55
C ALA D 107 -22.22 -9.53 3.54
N CYS D 108 -22.65 -8.98 4.66
CA CYS D 108 -23.95 -8.33 4.77
C CYS D 108 -24.16 -7.21 3.77
N SER D 110 -22.69 -6.88 0.96
CA SER D 110 -22.81 -7.49 -0.37
C SER D 110 -24.24 -8.03 -0.64
N ILE D 111 -24.86 -8.58 0.39
CA ILE D 111 -26.27 -8.99 0.34
C ILE D 111 -27.22 -7.79 0.10
N LEU D 112 -27.00 -6.70 0.84
CA LEU D 112 -27.80 -5.48 0.71
C LEU D 112 -27.62 -4.87 -0.68
N THR D 113 -26.42 -4.93 -1.20
CA THR D 113 -26.13 -4.46 -2.53
C THR D 113 -26.99 -5.15 -3.60
N LEU D 115 -29.78 -6.98 -2.99
CA LEU D 115 -31.18 -6.62 -2.72
C LEU D 115 -31.56 -5.22 -3.22
N ASN D 117 -30.26 -3.74 -5.73
CA ASN D 117 -30.31 -3.84 -7.17
C ASN D 117 -31.68 -4.27 -7.66
N PHE D 118 -32.41 -5.05 -6.85
CA PHE D 118 -33.83 -5.38 -7.13
C PHE D 118 -34.88 -4.29 -6.81
N GLY D 119 -34.42 -3.15 -6.29
CA GLY D 119 -35.27 -2.00 -6.02
C GLY D 119 -35.90 -2.08 -4.63
N PHE D 120 -35.42 -3.03 -3.82
CA PHE D 120 -35.87 -3.18 -2.45
C PHE D 120 -35.42 -2.01 -1.58
N LEU D 121 -36.24 -1.74 -0.56
CA LEU D 121 -35.89 -0.83 0.52
C LEU D 121 -35.21 -1.71 1.58
N VAL D 122 -34.03 -1.25 1.99
CA VAL D 122 -33.04 -2.05 2.65
C VAL D 122 -32.66 -1.36 3.99
N PHE D 123 -32.40 -2.13 5.04
CA PHE D 123 -32.05 -1.54 6.35
C PHE D 123 -31.10 -2.39 7.21
N GLY D 124 -30.51 -1.73 8.23
CA GLY D 124 -29.96 -2.43 9.41
C GLY D 124 -30.64 -1.95 10.71
N VAL D 125 -30.12 -2.41 11.85
CA VAL D 125 -30.77 -2.15 13.12
C VAL D 125 -29.80 -1.43 14.03
N THR D 126 -30.27 -0.32 14.61
CA THR D 126 -29.48 0.47 15.56
C THR D 126 -29.38 -0.17 16.96
N ASP D 127 -30.47 -0.84 17.38
CA ASP D 127 -30.59 -1.51 18.68
C ASP D 127 -29.30 -2.11 19.17
N TYR D 128 -28.97 -1.83 20.43
CA TYR D 128 -27.94 -2.57 21.11
C TYR D 128 -28.57 -3.68 21.97
N VAL D 129 -28.06 -4.87 21.74
CA VAL D 129 -28.64 -6.09 22.19
C VAL D 129 -27.74 -6.71 23.31
N GLY D 130 -26.51 -6.23 23.39
CA GLY D 130 -25.62 -6.37 24.53
C GLY D 130 -24.84 -5.05 24.65
N LYS D 131 -23.97 -4.96 25.64
CA LYS D 131 -23.18 -3.75 25.89
C LYS D 131 -22.40 -3.32 24.64
N LYS D 132 -21.69 -4.26 24.03
CA LYS D 132 -20.90 -3.96 22.82
C LYS D 132 -21.38 -4.89 21.70
N PHE D 133 -22.69 -4.98 21.52
CA PHE D 133 -23.24 -5.87 20.54
C PHE D 133 -24.45 -5.33 19.77
N THR D 134 -24.29 -5.23 18.46
CA THR D 134 -25.33 -4.61 17.64
C THR D 134 -25.43 -5.23 16.24
N LEU D 135 -26.19 -4.61 15.34
CA LEU D 135 -26.52 -5.23 14.04
C LEU D 135 -26.90 -4.19 12.97
N HIS D 136 -26.00 -3.23 12.83
CA HIS D 136 -26.22 -2.02 12.07
C HIS D 136 -26.38 -2.28 10.57
N TYR D 137 -25.68 -3.27 10.01
CA TYR D 137 -25.84 -3.66 8.60
C TYR D 137 -26.51 -5.02 8.46
N GLY D 138 -26.97 -5.58 9.58
CA GLY D 138 -27.59 -6.89 9.59
C GLY D 138 -27.04 -7.69 10.75
N ALA D 139 -27.59 -8.86 11.00
CA ALA D 139 -27.12 -9.64 12.14
C ALA D 139 -25.86 -10.35 11.72
N VAL D 140 -24.83 -10.27 12.56
CA VAL D 140 -23.56 -10.92 12.29
C VAL D 140 -23.11 -11.73 13.50
N VAL D 141 -22.50 -12.89 13.22
CA VAL D 141 -21.92 -13.77 14.25
C VAL D 141 -20.68 -14.49 13.68
N ALA D 142 -19.65 -14.68 14.50
CA ALA D 142 -18.61 -15.63 14.14
C ALA D 142 -19.00 -17.05 14.64
N GLY D 143 -19.35 -17.94 13.73
CA GLY D 143 -19.82 -19.27 14.11
C GLY D 143 -21.32 -19.39 14.38
N GLU D 144 -21.67 -20.31 15.28
CA GLU D 144 -23.04 -20.51 15.67
C GLU D 144 -23.43 -19.43 16.65
N PRO D 145 -24.64 -18.87 16.52
CA PRO D 145 -25.10 -17.99 17.60
C PRO D 145 -25.29 -18.78 18.90
N ARG D 146 -24.47 -18.46 19.91
CA ARG D 146 -24.43 -19.23 21.15
C ARG D 146 -24.69 -18.40 22.42
N SER D 147 -24.12 -17.20 22.48
CA SER D 147 -24.37 -16.31 23.59
C SER D 147 -25.75 -15.68 23.43
N GLU D 148 -26.28 -15.16 24.54
CA GLU D 148 -27.60 -14.56 24.61
C GLU D 148 -27.76 -13.39 23.65
N GLU D 149 -26.72 -12.55 23.59
CA GLU D 149 -26.70 -11.36 22.72
C GLU D 149 -26.64 -11.73 21.22
N GLU D 150 -25.89 -12.79 20.92
CA GLU D 150 -25.80 -13.27 19.55
C GLU D 150 -27.17 -13.80 19.11
N LYS D 151 -27.84 -14.58 19.98
CA LYS D 151 -29.19 -15.07 19.69
C LYS D 151 -30.22 -13.93 19.58
N GLU D 152 -30.09 -12.92 20.42
CA GLU D 152 -31.02 -11.79 20.42
C GLU D 152 -30.81 -10.82 19.26
N ALA D 153 -29.56 -10.71 18.75
CA ALA D 153 -29.32 -9.94 17.51
C ALA D 153 -30.10 -10.56 16.34
N CYS D 154 -30.01 -11.89 16.21
CA CYS D 154 -30.77 -12.64 15.19
C CYS D 154 -32.26 -12.40 15.31
N ARG D 155 -32.82 -12.56 16.51
CA ARG D 155 -34.25 -12.31 16.77
C ARG D 155 -34.66 -10.86 16.46
N ARG D 156 -33.81 -9.91 16.83
CA ARG D 156 -34.12 -8.50 16.69
C ARG D 156 -34.21 -8.07 15.24
N LEU D 157 -33.34 -8.66 14.41
CA LEU D 157 -33.37 -8.47 12.96
C LEU D 157 -34.76 -8.86 12.41
N GLY D 158 -35.27 -10.01 12.83
CA GLY D 158 -36.56 -10.48 12.35
C GLY D 158 -37.68 -9.62 12.89
N ARG D 159 -37.49 -9.13 14.12
CA ARG D 159 -38.46 -8.31 14.80
C ARG D 159 -38.65 -7.00 14.06
N ARG D 160 -37.57 -6.29 13.81
CA ARG D 160 -37.60 -5.00 13.13
C ARG D 160 -38.18 -5.08 11.69
N LEU D 161 -37.85 -6.16 10.96
CA LEU D 161 -38.38 -6.41 9.62
C LEU D 161 -39.89 -6.48 9.67
N ALA D 162 -40.39 -7.35 10.55
CA ALA D 162 -41.82 -7.55 10.76
C ALA D 162 -42.46 -6.23 11.15
N GLU D 163 -41.73 -5.44 11.92
CA GLU D 163 -42.17 -4.14 12.37
C GLU D 163 -42.24 -3.15 11.23
N TRP D 164 -41.23 -3.16 10.36
CA TRP D 164 -41.25 -2.30 9.15
C TRP D 164 -42.36 -2.73 8.18
N VAL D 165 -42.52 -4.03 8.00
CA VAL D 165 -43.65 -4.56 7.24
C VAL D 165 -44.99 -4.10 7.81
N ALA D 166 -45.12 -4.10 9.14
CA ALA D 166 -46.34 -3.69 9.81
C ALA D 166 -46.61 -2.19 9.64
N ILE D 167 -45.60 -1.37 9.91
CA ILE D 167 -45.74 0.08 9.75
C ILE D 167 -45.86 0.55 8.28
N PHE D 168 -45.03 -0.02 7.40
CA PHE D 168 -44.97 0.50 6.03
C PHE D 168 -45.90 -0.16 5.01
N VAL D 169 -46.28 -1.42 5.24
CA VAL D 169 -47.19 -2.14 4.32
C VAL D 169 -48.60 -2.23 4.90
N ASP D 170 -48.69 -2.63 6.17
CA ASP D 170 -49.97 -2.91 6.80
C ASP D 170 -50.49 -1.76 7.66
N GLY D 171 -49.96 -0.57 7.38
CA GLY D 171 -50.50 0.67 7.93
C GLY D 171 -50.37 0.97 9.41
N ARG D 172 -50.01 -0.01 10.23
CA ARG D 172 -49.99 0.23 11.69
C ARG D 172 -48.91 1.22 12.17
N LYS D 173 -49.17 2.49 11.88
CA LYS D 173 -48.23 3.60 12.10
C LYS D 173 -48.03 4.11 13.55
N GLU D 174 -48.91 3.70 14.46
CA GLU D 174 -48.73 3.96 15.90
C GLU D 174 -47.40 3.39 16.42
N LEU D 175 -46.94 2.33 15.76
CA LEU D 175 -45.77 1.54 16.15
C LEU D 175 -44.43 2.25 15.95
N LEU D 176 -44.38 3.18 15.00
CA LEU D 176 -43.16 3.88 14.64
C LEU D 176 -42.60 4.53 15.88
N GLU D 177 -43.43 5.36 16.50
CA GLU D 177 -43.08 6.17 17.64
C GLU D 177 -42.81 5.34 18.89
N LYS D 178 -43.58 4.27 19.07
CA LYS D 178 -43.35 3.31 20.14
C LYS D 178 -41.96 2.65 20.03
N ILE D 179 -41.58 2.23 18.82
CA ILE D 179 -40.23 1.70 18.54
C ILE D 179 -39.19 2.82 18.74
N ARG D 180 -39.38 3.94 18.03
CA ARG D 180 -38.54 5.13 18.15
C ARG D 180 -38.18 5.58 19.58
N LYS D 181 -39.12 5.45 20.53
CA LYS D 181 -38.86 5.89 21.92
C LYS D 181 -38.62 4.73 22.92
N ASP D 182 -38.55 3.49 22.44
CA ASP D 182 -38.47 2.31 23.32
C ASP D 182 -37.08 2.15 23.97
N PRO D 183 -37.00 2.24 25.33
CA PRO D 183 -35.70 2.15 26.02
C PRO D 183 -35.08 0.74 25.96
N ALA D 184 -35.92 -0.27 25.80
CA ALA D 184 -35.48 -1.66 25.67
C ALA D 184 -34.51 -1.89 24.51
N ARG D 185 -34.58 -1.02 23.50
CA ARG D 185 -33.72 -1.13 22.33
C ARG D 185 -32.22 -0.95 22.63
N PHE D 186 -31.87 -0.46 23.82
CA PHE D 186 -30.48 -0.22 24.19
C PHE D 186 -30.14 -0.82 25.53
N VAL D 187 -29.53 -2.01 25.45
CA VAL D 187 -28.93 -2.68 26.59
C VAL D 187 -27.57 -2.04 26.82
N GLY E 5 39.14 -9.83 28.70
CA GLY E 5 39.76 -9.06 27.62
C GLY E 5 39.39 -7.58 27.73
N LYS E 6 40.30 -6.73 27.27
CA LYS E 6 40.16 -5.29 27.47
C LYS E 6 40.10 -4.55 26.13
N VAL E 7 38.90 -4.07 25.82
CA VAL E 7 38.65 -3.43 24.54
C VAL E 7 38.36 -1.95 24.80
N LEU E 8 39.14 -1.11 24.14
CA LEU E 8 38.91 0.33 24.14
C LEU E 8 38.24 0.68 22.82
N VAL E 9 37.12 1.40 22.88
CA VAL E 9 36.54 2.01 21.69
C VAL E 9 36.66 3.53 21.85
N ILE E 10 37.47 4.14 20.99
CA ILE E 10 37.75 5.57 21.05
C ILE E 10 37.34 6.16 19.70
N TYR E 11 36.70 7.33 19.72
CA TYR E 11 36.09 7.87 18.50
C TYR E 11 36.11 9.40 18.52
N ASP E 12 36.10 10.02 17.35
CA ASP E 12 35.81 11.44 17.18
C ASP E 12 34.49 11.57 16.43
N THR E 13 33.84 12.73 16.53
CA THR E 13 32.59 12.95 15.80
C THR E 13 32.30 14.43 15.68
N ARG E 14 31.82 14.88 14.50
CA ARG E 14 31.34 16.26 14.40
C ARG E 14 29.83 16.37 14.47
N THR E 15 29.12 15.42 13.86
CA THR E 15 27.65 15.47 13.93
C THR E 15 26.99 14.40 14.82
N GLY E 16 27.76 13.44 15.32
CA GLY E 16 27.19 12.35 16.11
C GLY E 16 27.13 10.98 15.44
N ASN E 17 27.36 10.91 14.12
CA ASN E 17 27.24 9.65 13.37
C ASN E 17 28.26 8.58 13.77
N THR E 18 29.53 8.99 13.82
CA THR E 18 30.63 8.12 14.25
C THR E 18 30.43 7.70 15.70
N LYS E 19 29.84 8.59 16.52
CA LYS E 19 29.46 8.21 17.88
C LYS E 19 28.44 7.07 17.86
N LYS E 20 27.42 7.18 17.02
CA LYS E 20 26.45 6.09 16.88
C LYS E 20 27.14 4.78 16.51
N ALA E 22 30.31 3.98 17.06
CA ALA E 22 31.14 3.61 18.20
C ALA E 22 30.34 2.90 19.32
N GLU E 23 29.12 3.38 19.59
CA GLU E 23 28.26 2.75 20.59
C GLU E 23 27.90 1.33 20.18
N LEU E 24 27.74 1.12 18.88
CA LEU E 24 27.43 -0.21 18.35
C LEU E 24 28.69 -1.09 18.31
N VAL E 25 29.82 -0.56 17.84
CA VAL E 25 31.09 -1.28 17.96
C VAL E 25 31.28 -1.84 19.39
N ALA E 26 31.08 -0.97 20.40
CA ALA E 26 31.26 -1.33 21.80
C ALA E 26 30.25 -2.39 22.25
N GLU E 27 29.03 -2.28 21.72
CA GLU E 27 27.99 -3.27 21.94
C GLU E 27 28.44 -4.64 21.44
N GLY E 28 28.97 -4.67 20.22
CA GLY E 28 29.56 -5.88 19.66
C GLY E 28 30.63 -6.54 20.52
N ALA E 29 31.54 -5.73 21.09
CA ALA E 29 32.58 -6.23 21.97
C ALA E 29 31.97 -6.74 23.29
N ARG E 30 30.90 -6.10 23.73
CA ARG E 30 30.24 -6.54 24.95
C ARG E 30 29.51 -7.88 24.76
N SER E 31 29.05 -8.18 23.55
CA SER E 31 28.30 -9.42 23.29
C SER E 31 29.14 -10.70 23.47
N LEU E 32 30.46 -10.58 23.29
CA LEU E 32 31.37 -11.65 23.72
C LEU E 32 31.60 -11.61 25.24
N GLU E 33 31.18 -12.66 25.94
CA GLU E 33 31.23 -12.64 27.41
C GLU E 33 32.66 -12.78 27.95
N GLY E 34 33.01 -12.30 29.25
CA GLY E 34 34.42 -12.07 29.72
C GLY E 34 35.12 -11.17 28.74
N THR E 35 34.42 -9.98 28.55
CA THR E 35 35.15 -8.88 27.88
C THR E 35 34.73 -7.56 28.57
N GLU E 36 35.72 -6.68 28.87
CA GLU E 36 35.40 -5.34 29.38
C GLU E 36 35.65 -4.28 28.32
N VAL E 37 34.78 -3.28 28.24
CA VAL E 37 34.81 -2.31 27.16
C VAL E 37 34.75 -0.86 27.66
N ARG E 38 35.73 -0.05 27.24
CA ARG E 38 35.70 1.39 27.50
C ARG E 38 35.24 2.15 26.26
N LEU E 39 34.22 2.99 26.40
CA LEU E 39 33.81 3.83 25.28
C LEU E 39 34.15 5.28 25.57
N LYS E 40 35.17 5.81 24.88
CA LYS E 40 35.65 7.18 25.13
C LYS E 40 35.72 8.03 23.86
N HIS E 41 35.18 9.24 23.94
CA HIS E 41 35.43 10.28 22.93
C HIS E 41 36.92 10.68 23.04
N VAL E 42 37.54 11.12 21.95
CA VAL E 42 38.96 11.55 21.98
C VAL E 42 39.28 12.61 23.03
N ASP E 43 38.27 13.40 23.39
CA ASP E 43 38.46 14.51 24.31
C ASP E 43 38.52 14.02 25.76
N GLU E 44 37.96 12.83 26.02
CA GLU E 44 38.04 12.25 27.38
C GLU E 44 39.15 11.23 27.50
N ALA E 45 39.45 10.54 26.40
CA ALA E 45 40.42 9.46 26.41
C ALA E 45 41.81 9.93 26.87
N THR E 46 42.56 9.04 27.49
CA THR E 46 43.92 9.34 27.97
C THR E 46 44.87 8.22 27.57
N LYS E 47 46.16 8.42 27.77
CA LYS E 47 47.18 7.37 27.59
C LYS E 47 46.88 6.11 28.41
N GLU E 48 46.32 6.28 29.61
CA GLU E 48 46.01 5.15 30.52
C GLU E 48 44.99 4.19 29.87
N ASP E 49 44.00 4.76 29.19
CA ASP E 49 43.02 3.98 28.44
C ASP E 49 43.69 3.04 27.43
N VAL E 50 44.73 3.53 26.77
CA VAL E 50 45.49 2.76 25.79
C VAL E 50 46.47 1.74 26.41
N LEU E 51 47.12 2.12 27.50
CA LEU E 51 47.94 1.17 28.25
C LEU E 51 47.09 0.03 28.77
N TRP E 52 45.89 0.37 29.24
CA TRP E 52 44.90 -0.59 29.70
C TRP E 52 44.53 -1.62 28.64
N ALA E 53 44.11 -1.14 27.47
CA ALA E 53 43.50 -1.98 26.43
C ALA E 53 44.41 -3.00 25.75
N ASP E 54 43.90 -4.23 25.59
CA ASP E 54 44.47 -5.26 24.74
C ASP E 54 44.12 -5.00 23.28
N GLY E 55 42.85 -4.72 23.01
CA GLY E 55 42.35 -4.44 21.67
C GLY E 55 41.81 -3.04 21.56
N LEU E 56 41.79 -2.47 20.36
CA LEU E 56 41.28 -1.11 20.16
C LEU E 56 40.41 -1.01 18.91
N ALA E 57 39.46 -0.09 18.94
CA ALA E 57 38.63 0.23 17.79
C ALA E 57 38.69 1.74 17.67
N VAL E 58 39.19 2.24 16.55
CA VAL E 58 39.37 3.69 16.43
C VAL E 58 38.46 4.25 15.34
N GLY E 59 37.59 5.17 15.72
CA GLY E 59 36.61 5.67 14.78
C GLY E 59 36.72 7.16 14.54
N SER E 60 36.51 7.56 13.30
CA SER E 60 36.59 8.97 12.94
C SER E 60 35.61 9.29 11.80
N PRO E 61 35.08 10.54 11.76
CA PRO E 61 34.41 10.99 10.52
C PRO E 61 35.41 10.90 9.39
N THR E 62 34.95 10.71 8.16
CA THR E 62 35.91 10.76 7.07
C THR E 62 36.05 12.22 6.65
N ASN E 63 37.24 12.77 6.81
CA ASN E 63 37.46 14.17 6.50
C ASN E 63 38.53 14.29 5.44
N GLY E 65 39.01 12.31 3.00
CA GLY E 65 39.54 10.95 2.83
C GLY E 65 40.34 10.32 3.99
N LEU E 66 40.41 11.01 5.13
CA LEU E 66 41.37 10.70 6.20
C LEU E 66 40.73 10.79 7.60
N VAL E 67 41.40 10.21 8.61
CA VAL E 67 41.15 10.57 10.01
C VAL E 67 41.01 12.07 10.15
N SER E 68 40.13 12.47 11.08
CA SER E 68 39.98 13.86 11.46
C SER E 68 41.28 14.40 12.14
N TRP E 69 41.51 15.70 12.03
CA TRP E 69 42.68 16.28 12.62
C TRP E 69 42.61 16.20 14.15
N LYS E 70 41.40 16.15 14.70
CA LYS E 70 41.30 16.00 16.15
C LYS E 70 41.81 14.63 16.65
N LYS E 72 43.95 12.76 14.96
CA LYS E 72 45.37 12.70 14.61
C LYS E 72 46.19 13.38 15.71
N ARG E 73 45.72 14.54 16.13
CA ARG E 73 46.32 15.36 17.15
C ARG E 73 46.46 14.59 18.43
N PHE E 74 45.41 13.85 18.81
CA PHE E 74 45.43 13.00 20.00
C PHE E 74 46.53 11.95 19.93
N PHE E 75 46.74 11.42 18.74
CA PHE E 75 47.79 10.46 18.52
C PHE E 75 49.20 11.06 18.48
N ASP E 76 49.41 12.10 17.67
CA ASP E 76 50.73 12.72 17.56
C ASP E 76 51.13 13.27 18.91
N ASP E 77 50.19 13.91 19.62
CA ASP E 77 50.61 14.47 20.89
C ASP E 77 50.13 14.02 22.26
N VAL E 78 49.13 13.16 22.41
CA VAL E 78 49.07 12.50 23.74
C VAL E 78 49.71 11.12 23.76
N LEU E 79 49.35 10.26 22.81
CA LEU E 79 49.88 8.91 22.73
C LEU E 79 51.32 8.82 22.28
N GLY E 80 51.80 9.85 21.59
CA GLY E 80 53.14 9.90 21.02
C GLY E 80 54.27 9.52 21.94
N ASP E 81 54.17 9.94 23.20
CA ASP E 81 55.11 9.53 24.24
C ASP E 81 55.22 8.00 24.46
N LEU E 82 54.22 7.22 24.06
CA LEU E 82 54.22 5.76 24.22
C LEU E 82 54.83 4.98 23.05
N TRP E 83 55.13 5.70 21.96
CA TRP E 83 55.63 5.07 20.74
C TRP E 83 56.91 4.23 21.02
N GLY E 84 56.83 2.95 20.67
CA GLY E 84 57.93 2.02 20.78
C GLY E 84 57.84 1.12 22.00
N GLU E 85 56.81 1.31 22.81
CA GLU E 85 56.67 0.56 24.06
C GLU E 85 55.25 0.04 24.27
N ILE E 86 54.42 0.16 23.24
CA ILE E 86 53.08 -0.45 23.25
C ILE E 86 52.84 -1.38 22.07
N ASP E 87 53.92 -1.81 21.40
CA ASP E 87 53.80 -2.72 20.27
C ASP E 87 52.97 -3.92 20.65
N GLY E 88 52.22 -4.45 19.69
CA GLY E 88 51.50 -5.70 19.89
C GLY E 88 50.07 -5.61 20.38
N LYS E 89 49.57 -4.39 20.58
CA LYS E 89 48.14 -4.21 20.85
C LYS E 89 47.44 -4.50 19.55
N ILE E 90 46.22 -5.02 19.61
CA ILE E 90 45.45 -5.39 18.42
C ILE E 90 44.49 -4.27 18.17
N ALA E 91 44.37 -3.81 16.91
CA ALA E 91 43.48 -2.69 16.59
C ALA E 91 42.75 -2.77 15.24
N CYS E 92 41.74 -1.90 15.10
CA CYS E 92 40.88 -1.83 13.92
C CYS E 92 40.19 -0.47 13.80
N ALA E 93 39.55 -0.21 12.66
CA ALA E 93 39.07 1.14 12.31
C ALA E 93 37.58 1.16 11.91
N PHE E 94 36.93 2.30 12.09
CA PHE E 94 35.58 2.51 11.55
C PHE E 94 35.39 3.98 11.18
N SER E 95 34.50 4.26 10.24
CA SER E 95 34.39 5.62 9.71
C SER E 95 33.03 5.94 9.08
N SER E 96 32.56 7.18 9.25
CA SER E 96 31.35 7.64 8.56
C SER E 96 31.68 8.77 7.59
N SER E 97 31.30 8.58 6.32
CA SER E 97 31.45 9.60 5.28
C SER E 97 30.10 10.20 4.90
N GLY E 98 30.11 11.27 4.12
CA GLY E 98 28.85 11.92 3.67
C GLY E 98 28.16 11.17 2.55
N GLY E 99 28.87 10.19 2.00
CA GLY E 99 28.41 9.46 0.83
C GLY E 99 29.24 8.22 0.53
N TRP E 100 28.57 7.22 -0.03
CA TRP E 100 29.23 6.10 -0.66
C TRP E 100 30.05 6.61 -1.84
N GLY E 101 31.28 6.09 -1.95
CA GLY E 101 32.26 6.58 -2.93
C GLY E 101 33.04 7.77 -2.41
N GLY E 102 32.77 8.12 -1.16
CA GLY E 102 33.26 9.35 -0.56
C GLY E 102 34.50 9.23 0.30
N GLY E 103 35.07 8.04 0.39
CA GLY E 103 36.38 7.88 0.99
C GLY E 103 36.42 7.21 2.33
N ASN E 104 35.32 6.53 2.70
CA ASN E 104 35.29 5.89 4.01
C ASN E 104 36.25 4.71 4.20
N GLU E 105 36.53 3.94 3.15
CA GLU E 105 37.52 2.87 3.28
C GLU E 105 38.94 3.45 3.30
N VAL E 106 39.18 4.50 2.51
CA VAL E 106 40.46 5.18 2.49
C VAL E 106 40.71 5.80 3.88
N ALA E 107 39.67 6.34 4.49
CA ALA E 107 39.78 6.93 5.83
C ALA E 107 40.14 5.87 6.89
N CYS E 108 39.52 4.69 6.79
CA CYS E 108 39.86 3.55 7.63
C CYS E 108 41.31 3.15 7.43
N SER E 110 43.76 5.06 6.62
CA SER E 110 44.62 6.05 7.26
C SER E 110 44.66 5.84 8.76
N ILE E 111 43.51 5.51 9.35
CA ILE E 111 43.43 5.08 10.73
C ILE E 111 44.32 3.86 10.94
N LEU E 112 44.21 2.87 10.06
CA LEU E 112 44.99 1.62 10.22
C LEU E 112 46.51 1.86 10.11
N THR E 113 46.88 2.75 9.19
CA THR E 113 48.25 3.18 8.96
C THR E 113 48.83 3.73 10.24
N LEU E 115 47.75 3.29 13.34
CA LEU E 115 47.89 2.26 14.36
C LEU E 115 49.09 1.34 14.14
N ASN E 117 51.80 2.04 12.80
CA ASN E 117 52.95 2.81 13.19
C ASN E 117 53.31 2.61 14.66
N PHE E 118 52.31 2.32 15.49
CA PHE E 118 52.54 2.07 16.93
C PHE E 118 52.97 0.62 17.22
N GLY E 119 53.18 -0.18 16.18
CA GLY E 119 53.48 -1.58 16.32
C GLY E 119 52.27 -2.47 16.54
N PHE E 120 51.06 -1.92 16.36
CA PHE E 120 49.83 -2.71 16.53
C PHE E 120 49.61 -3.71 15.40
N LEU E 121 48.97 -4.83 15.75
CA LEU E 121 48.51 -5.84 14.81
C LEU E 121 47.11 -5.40 14.43
N VAL E 122 46.85 -5.40 13.15
CA VAL E 122 45.80 -4.60 12.61
C VAL E 122 44.97 -5.48 11.65
N PHE E 123 43.66 -5.28 11.66
CA PHE E 123 42.82 -6.18 10.92
C PHE E 123 41.57 -5.48 10.42
N GLY E 124 40.92 -6.15 9.46
CA GLY E 124 39.54 -5.89 9.11
C GLY E 124 38.81 -7.22 9.15
N VAL E 125 37.62 -7.25 8.57
CA VAL E 125 36.66 -8.33 8.78
C VAL E 125 36.09 -8.78 7.45
N THR E 126 36.25 -10.06 7.17
CA THR E 126 35.76 -10.68 5.92
C THR E 126 34.24 -10.82 5.85
N ASP E 127 33.59 -10.94 7.01
CA ASP E 127 32.17 -11.29 7.12
C ASP E 127 31.26 -10.49 6.22
N TYR E 128 30.24 -11.14 5.67
CA TYR E 128 29.13 -10.42 5.05
C TYR E 128 27.92 -10.43 5.94
N VAL E 129 27.53 -9.21 6.24
CA VAL E 129 26.60 -8.94 7.28
C VAL E 129 25.26 -8.65 6.56
N GLY E 130 25.36 -8.33 5.27
CA GLY E 130 24.25 -8.26 4.33
C GLY E 130 24.75 -8.77 2.99
N LYS E 131 23.83 -9.03 2.06
CA LYS E 131 24.18 -9.57 0.72
C LYS E 131 25.27 -8.77 -0.01
N LYS E 132 25.24 -7.45 0.09
CA LYS E 132 26.26 -6.62 -0.53
C LYS E 132 26.80 -5.64 0.54
N PHE E 133 27.01 -6.17 1.74
CA PHE E 133 27.50 -5.37 2.84
C PHE E 133 28.52 -6.11 3.69
N THR E 134 29.68 -5.48 3.84
CA THR E 134 30.80 -6.08 4.52
C THR E 134 31.67 -4.96 5.15
N LEU E 135 32.87 -5.32 5.59
CA LEU E 135 33.68 -4.38 6.36
C LEU E 135 35.16 -4.78 6.34
N HIS E 136 35.72 -5.01 5.15
CA HIS E 136 37.06 -5.59 5.00
C HIS E 136 38.22 -4.78 5.60
N TYR E 137 38.06 -3.46 5.68
CA TYR E 137 39.10 -2.59 6.21
C TYR E 137 38.62 -1.88 7.46
N GLY E 138 37.39 -2.17 7.87
CA GLY E 138 36.80 -1.53 9.03
C GLY E 138 35.34 -1.32 8.75
N ALA E 139 34.58 -0.98 9.78
CA ALA E 139 33.16 -0.73 9.59
C ALA E 139 32.99 0.64 8.89
N VAL E 140 32.22 0.64 7.81
CA VAL E 140 32.02 1.89 7.08
C VAL E 140 30.55 2.20 6.85
N VAL E 141 30.21 3.49 6.98
CA VAL E 141 28.82 3.93 6.74
C VAL E 141 28.80 5.28 6.03
N ALA E 142 27.76 5.53 5.24
CA ALA E 142 27.50 6.87 4.75
C ALA E 142 26.44 7.53 5.64
N GLY E 143 26.89 8.50 6.43
CA GLY E 143 26.06 9.13 7.45
C GLY E 143 25.93 8.30 8.72
N GLU E 144 24.73 8.30 9.28
CA GLU E 144 24.39 7.51 10.45
C GLU E 144 24.02 6.04 10.15
N PRO E 145 24.47 5.10 11.01
CA PRO E 145 24.07 3.71 10.85
C PRO E 145 22.58 3.55 11.25
N ARG E 146 21.77 3.18 10.25
CA ARG E 146 20.34 3.15 10.39
C ARG E 146 19.81 1.77 10.01
N SER E 147 20.29 1.23 8.88
CA SER E 147 19.88 -0.10 8.41
C SER E 147 20.51 -1.19 9.26
N GLU E 148 19.90 -2.37 9.24
CA GLU E 148 20.38 -3.48 10.03
C GLU E 148 21.77 -3.94 9.62
N GLU E 149 22.02 -4.02 8.32
CA GLU E 149 23.36 -4.36 7.83
C GLU E 149 24.37 -3.29 8.27
N GLU E 150 23.98 -2.01 8.15
CA GLU E 150 24.80 -0.89 8.65
C GLU E 150 25.01 -1.01 10.15
N LYS E 151 23.97 -1.33 10.90
CA LYS E 151 24.14 -1.49 12.36
C LYS E 151 24.95 -2.75 12.72
N GLU E 152 24.70 -3.84 12.01
CA GLU E 152 25.37 -5.11 12.32
C GLU E 152 26.83 -5.19 11.85
N ALA E 153 27.23 -4.31 10.95
CA ALA E 153 28.64 -4.20 10.58
C ALA E 153 29.43 -3.63 11.73
N CYS E 154 28.87 -2.59 12.34
CA CYS E 154 29.50 -1.95 13.49
C CYS E 154 29.64 -2.95 14.64
N ARG E 155 28.51 -3.58 14.97
CA ARG E 155 28.45 -4.68 15.92
C ARG E 155 29.51 -5.74 15.66
N ARG E 156 29.64 -6.18 14.41
CA ARG E 156 30.59 -7.23 14.05
C ARG E 156 32.08 -6.88 14.19
N LEU E 157 32.44 -5.63 13.86
CA LEU E 157 33.80 -5.16 14.05
C LEU E 157 34.19 -5.36 15.51
N GLY E 158 33.34 -4.88 16.41
CA GLY E 158 33.59 -4.97 17.83
C GLY E 158 33.59 -6.41 18.34
N ARG E 159 32.77 -7.24 17.71
CA ARG E 159 32.68 -8.66 18.04
C ARG E 159 34.03 -9.33 17.76
N ARG E 160 34.51 -9.17 16.53
CA ARG E 160 35.73 -9.79 16.06
C ARG E 160 36.95 -9.24 16.80
N LEU E 161 36.96 -7.95 17.14
CA LEU E 161 38.00 -7.36 17.98
C LEU E 161 38.08 -8.13 19.28
N ALA E 162 36.93 -8.33 19.94
CA ALA E 162 36.87 -9.05 21.22
C ALA E 162 37.25 -10.51 21.05
N GLU E 163 36.79 -11.13 19.95
CA GLU E 163 37.13 -12.52 19.63
C GLU E 163 38.64 -12.68 19.41
N TRP E 164 39.24 -11.66 18.80
CA TRP E 164 40.68 -11.65 18.53
C TRP E 164 41.49 -11.50 19.83
N VAL E 165 41.03 -10.61 20.70
CA VAL E 165 41.60 -10.46 22.04
C VAL E 165 41.45 -11.77 22.87
N ALA E 166 40.28 -12.42 22.79
CA ALA E 166 40.09 -13.68 23.51
C ALA E 166 41.06 -14.78 23.03
N ILE E 167 41.14 -14.95 21.72
CA ILE E 167 41.95 -16.00 21.10
C ILE E 167 43.47 -15.78 21.32
N PHE E 168 43.91 -14.55 21.10
CA PHE E 168 45.34 -14.23 21.03
C PHE E 168 45.97 -13.74 22.32
N VAL E 169 45.19 -13.08 23.17
CA VAL E 169 45.73 -12.58 24.44
C VAL E 169 45.29 -13.45 25.63
N ASP E 170 44.01 -13.79 25.67
CA ASP E 170 43.46 -14.60 26.74
C ASP E 170 43.46 -16.07 26.36
N GLY E 171 43.96 -16.35 25.15
CA GLY E 171 44.40 -17.70 24.76
C GLY E 171 43.36 -18.78 24.48
N ARG E 172 42.08 -18.42 24.44
CA ARG E 172 41.07 -19.45 24.22
C ARG E 172 40.89 -19.80 22.74
N LYS E 173 41.83 -20.63 22.24
CA LYS E 173 42.03 -20.78 20.78
C LYS E 173 41.03 -21.69 20.05
N GLU E 174 40.22 -22.38 20.85
CA GLU E 174 39.15 -23.21 20.32
C GLU E 174 38.09 -22.42 19.50
N LEU E 175 37.90 -21.12 19.77
CA LEU E 175 36.96 -20.34 18.96
C LEU E 175 37.49 -19.87 17.62
N LEU E 176 38.80 -20.05 17.39
CA LEU E 176 39.37 -19.85 16.07
C LEU E 176 38.65 -20.72 15.05
N GLU E 177 38.58 -22.03 15.28
CA GLU E 177 37.82 -22.93 14.37
C GLU E 177 36.30 -22.71 14.44
N LYS E 178 35.81 -22.19 15.60
CA LYS E 178 34.39 -21.86 15.71
C LYS E 178 34.04 -20.75 14.72
N ILE E 179 34.80 -19.66 14.75
CA ILE E 179 34.66 -18.55 13.82
C ILE E 179 34.93 -18.98 12.38
N ARG E 180 36.08 -19.62 12.12
CA ARG E 180 36.49 -19.96 10.74
C ARG E 180 35.49 -20.71 9.86
N LYS E 181 34.67 -21.56 10.49
CA LYS E 181 33.76 -22.50 9.82
C LYS E 181 32.28 -22.12 9.99
N ASP E 182 32.04 -21.02 10.70
CA ASP E 182 30.71 -20.48 10.99
C ASP E 182 29.98 -19.98 9.73
N PRO E 183 28.87 -20.65 9.35
CA PRO E 183 28.06 -20.29 8.17
C PRO E 183 27.41 -18.89 8.23
N ALA E 184 27.03 -18.47 9.44
CA ALA E 184 26.35 -17.20 9.70
C ALA E 184 27.23 -15.98 9.45
N ARG E 185 28.52 -16.19 9.18
CA ARG E 185 29.41 -15.09 8.91
C ARG E 185 29.19 -14.53 7.50
N PHE E 186 28.50 -15.29 6.67
CA PHE E 186 28.19 -14.90 5.31
C PHE E 186 26.70 -15.10 5.05
N VAL E 187 25.95 -14.02 5.06
CA VAL E 187 24.49 -14.12 4.98
C VAL E 187 24.02 -14.69 3.63
N ASP E 188 22.84 -15.33 3.63
CA ASP E 188 22.18 -15.80 2.40
C ASP E 188 21.76 -14.67 1.48
N ALA F 3 36.44 14.25 -31.97
CA ALA F 3 37.54 15.05 -32.60
C ALA F 3 38.80 15.22 -31.70
N GLY F 5 39.68 15.91 -28.11
CA GLY F 5 39.98 15.08 -26.95
C GLY F 5 40.03 13.58 -27.23
N LYS F 6 41.11 12.93 -26.80
CA LYS F 6 41.30 11.47 -26.98
C LYS F 6 41.31 10.76 -25.64
N VAL F 7 40.40 9.81 -25.48
CA VAL F 7 40.15 9.16 -24.20
C VAL F 7 40.08 7.65 -24.35
N LEU F 8 40.91 6.94 -23.60
CA LEU F 8 40.93 5.49 -23.54
C LEU F 8 40.23 5.02 -22.27
N VAL F 9 39.23 4.17 -22.42
CA VAL F 9 38.63 3.49 -21.29
C VAL F 9 39.09 2.03 -21.40
N ILE F 10 39.87 1.60 -20.43
CA ILE F 10 40.42 0.25 -20.47
C ILE F 10 40.00 -0.45 -19.20
N TYR F 11 39.62 -1.72 -19.31
CA TYR F 11 38.99 -2.42 -18.20
C TYR F 11 39.33 -3.89 -18.16
N ASP F 12 39.31 -4.42 -16.95
CA ASP F 12 39.28 -5.84 -16.78
C ASP F 12 37.95 -6.17 -16.10
N THR F 13 37.58 -7.44 -16.09
CA THR F 13 36.34 -7.86 -15.47
C THR F 13 36.44 -9.34 -15.12
N ARG F 14 35.54 -9.77 -14.25
CA ARG F 14 35.52 -11.13 -13.76
C ARG F 14 34.19 -11.73 -14.11
N THR F 15 33.12 -10.94 -14.04
CA THR F 15 31.76 -11.42 -14.33
C THR F 15 30.97 -10.50 -15.25
N GLY F 16 31.56 -9.34 -15.57
CA GLY F 16 30.92 -8.37 -16.44
C GLY F 16 30.55 -7.04 -15.82
N ASN F 17 30.52 -6.96 -14.49
CA ASN F 17 30.08 -5.73 -13.79
C ASN F 17 30.88 -4.48 -14.13
N THR F 18 32.20 -4.63 -14.16
CA THR F 18 33.14 -3.56 -14.49
C THR F 18 33.10 -3.21 -15.99
N LYS F 19 32.82 -4.22 -16.83
CA LYS F 19 32.49 -3.96 -18.23
C LYS F 19 31.26 -3.03 -18.31
N LYS F 20 30.21 -3.32 -17.55
CA LYS F 20 29.03 -2.46 -17.52
C LYS F 20 29.36 -1.05 -17.10
N ALA F 22 32.43 0.31 -17.48
CA ALA F 22 33.30 0.91 -18.50
C ALA F 22 32.49 1.48 -19.63
N GLU F 23 31.36 0.83 -19.94
CA GLU F 23 30.47 1.27 -20.99
C GLU F 23 29.81 2.61 -20.62
N LEU F 24 29.43 2.74 -19.35
CA LEU F 24 28.88 4.01 -18.87
C LEU F 24 29.94 5.12 -18.78
N VAL F 25 31.17 4.76 -18.40
CA VAL F 25 32.29 5.72 -18.41
C VAL F 25 32.55 6.23 -19.85
N ALA F 26 32.60 5.32 -20.80
CA ALA F 26 32.76 5.69 -22.22
C ALA F 26 31.66 6.62 -22.68
N GLU F 27 30.42 6.32 -22.31
CA GLU F 27 29.26 7.08 -22.70
C GLU F 27 29.41 8.49 -22.15
N GLY F 28 29.88 8.59 -20.92
CA GLY F 28 30.04 9.88 -20.27
C GLY F 28 31.09 10.73 -20.93
N ALA F 29 32.16 10.10 -21.42
CA ALA F 29 33.26 10.85 -22.02
C ALA F 29 32.83 11.31 -23.41
N ARG F 30 32.14 10.45 -24.13
CA ARG F 30 31.58 10.78 -25.46
C ARG F 30 30.59 11.95 -25.42
N SER F 31 29.94 12.17 -24.28
CA SER F 31 28.96 13.25 -24.15
C SER F 31 29.57 14.65 -24.26
N LEU F 32 30.88 14.77 -24.05
CA LEU F 32 31.56 16.04 -24.26
C LEU F 32 31.94 16.17 -25.74
N GLU F 33 31.45 17.23 -26.38
CA GLU F 33 31.80 17.60 -27.75
C GLU F 33 33.27 17.45 -28.10
N GLY F 34 33.53 16.82 -29.24
CA GLY F 34 34.89 16.62 -29.72
C GLY F 34 35.73 15.65 -28.93
N THR F 35 35.10 14.68 -28.25
CA THR F 35 35.82 13.63 -27.54
C THR F 35 35.73 12.32 -28.34
N GLU F 36 36.89 11.85 -28.79
CA GLU F 36 37.02 10.57 -29.44
C GLU F 36 37.32 9.56 -28.32
N VAL F 37 36.41 8.60 -28.14
CA VAL F 37 36.58 7.57 -27.11
C VAL F 37 36.92 6.21 -27.71
N ARG F 38 37.93 5.59 -27.14
CA ARG F 38 38.29 4.22 -27.45
C ARG F 38 37.94 3.43 -26.19
N LEU F 39 37.31 2.28 -26.35
CA LEU F 39 36.92 1.42 -25.23
C LEU F 39 37.46 0.01 -25.45
N LYS F 40 38.36 -0.43 -24.58
CA LYS F 40 39.05 -1.70 -24.79
C LYS F 40 39.20 -2.51 -23.52
N HIS F 41 38.76 -3.76 -23.57
CA HIS F 41 39.10 -4.75 -22.55
C HIS F 41 40.62 -4.93 -22.52
N VAL F 42 41.17 -5.19 -21.34
CA VAL F 42 42.60 -5.41 -21.12
C VAL F 42 43.27 -6.38 -22.14
N ASP F 43 42.65 -7.55 -22.36
CA ASP F 43 43.13 -8.57 -23.30
C ASP F 43 43.34 -8.10 -24.76
N GLU F 44 42.64 -7.03 -25.15
CA GLU F 44 42.67 -6.53 -26.53
C GLU F 44 43.34 -5.16 -26.66
N ALA F 45 43.74 -4.58 -25.54
CA ALA F 45 44.35 -3.24 -25.49
C ALA F 45 45.82 -3.28 -25.88
N THR F 46 46.33 -2.18 -26.45
CA THR F 46 47.74 -2.12 -26.85
C THR F 46 48.49 -0.91 -26.31
N LYS F 47 49.83 -0.99 -26.34
CA LYS F 47 50.76 0.14 -26.16
C LYS F 47 50.19 1.38 -26.82
N GLU F 48 49.78 1.18 -28.07
CA GLU F 48 49.40 2.25 -28.97
C GLU F 48 48.10 2.90 -28.57
N ASP F 49 47.20 2.15 -27.95
CA ASP F 49 45.98 2.71 -27.35
C ASP F 49 46.34 3.79 -26.34
N VAL F 50 47.36 3.50 -25.53
CA VAL F 50 47.83 4.40 -24.49
C VAL F 50 48.60 5.60 -25.03
N LEU F 51 49.50 5.35 -26.00
CA LEU F 51 50.21 6.42 -26.67
C LEU F 51 49.22 7.36 -27.35
N TRP F 52 48.18 6.78 -27.95
CA TRP F 52 47.12 7.54 -28.59
C TRP F 52 46.41 8.48 -27.59
N ALA F 53 46.07 7.94 -26.42
CA ALA F 53 45.27 8.64 -25.42
C ALA F 53 45.87 9.92 -24.74
N ASP F 54 45.00 10.91 -24.54
CA ASP F 54 45.27 12.03 -23.67
C ASP F 54 44.84 11.75 -22.23
N GLY F 55 43.79 10.95 -22.11
CA GLY F 55 43.22 10.58 -20.83
C GLY F 55 42.86 9.11 -20.82
N LEU F 56 42.99 8.50 -19.66
CA LEU F 56 42.65 7.08 -19.44
C LEU F 56 41.72 6.94 -18.26
N ALA F 57 40.69 6.11 -18.43
CA ALA F 57 39.90 5.62 -17.32
C ALA F 57 40.21 4.13 -17.22
N VAL F 58 40.82 3.73 -16.10
CA VAL F 58 41.24 2.35 -15.91
C VAL F 58 40.32 1.70 -14.89
N GLY F 59 39.68 0.61 -15.29
CA GLY F 59 38.70 -0.09 -14.47
C GLY F 59 39.08 -1.51 -14.12
N SER F 60 38.70 -1.96 -12.95
CA SER F 60 39.04 -3.31 -12.52
C SER F 60 38.05 -3.78 -11.50
N PRO F 61 37.77 -5.09 -11.50
CA PRO F 61 37.05 -5.59 -10.34
C PRO F 61 37.97 -5.41 -9.13
N THR F 62 37.37 -5.28 -7.95
CA THR F 62 38.08 -5.24 -6.68
C THR F 62 38.46 -6.67 -6.38
N ASN F 63 39.73 -6.99 -6.54
CA ASN F 63 40.18 -8.37 -6.28
C ASN F 63 41.14 -8.44 -5.11
N GLY F 65 41.10 -6.53 -2.72
CA GLY F 65 41.34 -5.13 -2.39
C GLY F 65 42.03 -4.29 -3.45
N LEU F 66 42.49 -4.93 -4.53
CA LEU F 66 43.45 -4.32 -5.45
C LEU F 66 43.07 -4.52 -6.93
N VAL F 67 43.68 -3.76 -7.86
CA VAL F 67 43.62 -4.12 -9.29
C VAL F 67 43.75 -5.64 -9.45
N SER F 68 43.15 -6.16 -10.52
CA SER F 68 43.31 -7.52 -10.94
C SER F 68 44.73 -7.81 -11.41
N TRP F 69 45.08 -9.11 -11.44
CA TRP F 69 46.42 -9.46 -11.81
C TRP F 69 46.69 -9.20 -13.30
N LYS F 70 45.64 -9.36 -14.12
CA LYS F 70 45.72 -9.16 -15.57
C LYS F 70 45.82 -7.67 -15.92
N LYS F 72 47.20 -5.36 -13.81
CA LYS F 72 48.58 -5.17 -13.33
C LYS F 72 49.61 -5.61 -14.35
N ARG F 73 49.40 -6.76 -14.96
CA ARG F 73 50.36 -7.35 -15.88
C ARG F 73 50.42 -6.55 -17.19
N PHE F 74 49.30 -5.98 -17.58
CA PHE F 74 49.26 -5.10 -18.72
C PHE F 74 50.23 -3.92 -18.49
N PHE F 75 50.12 -3.31 -17.31
CA PHE F 75 50.96 -2.20 -16.92
C PHE F 75 52.42 -2.60 -16.73
N ASP F 76 52.70 -3.66 -15.96
CA ASP F 76 54.07 -4.11 -15.73
C ASP F 76 54.78 -4.49 -17.02
N ASP F 77 54.04 -5.19 -17.91
CA ASP F 77 54.68 -5.89 -19.04
C ASP F 77 54.39 -5.40 -20.46
N VAL F 78 53.25 -4.76 -20.71
CA VAL F 78 52.97 -4.23 -22.03
C VAL F 78 53.38 -2.78 -22.09
N LEU F 79 53.05 -2.01 -21.03
CA LEU F 79 53.39 -0.60 -20.96
C LEU F 79 54.75 -0.32 -20.33
N GLY F 80 55.42 -1.35 -19.83
CA GLY F 80 56.73 -1.21 -19.22
C GLY F 80 57.75 -0.47 -20.08
N ASP F 81 57.74 -0.76 -21.38
CA ASP F 81 58.64 -0.09 -22.32
C ASP F 81 58.41 1.41 -22.52
N LEU F 82 57.20 1.85 -22.20
CA LEU F 82 56.86 3.26 -22.34
C LEU F 82 57.13 4.04 -21.04
N TRP F 83 57.45 3.30 -19.97
CA TRP F 83 57.62 3.92 -18.68
C TRP F 83 58.73 4.96 -18.77
N GLY F 84 58.41 6.18 -18.35
CA GLY F 84 59.37 7.26 -18.37
C GLY F 84 59.27 8.17 -19.58
N GLU F 85 58.44 7.82 -20.56
CA GLU F 85 58.32 8.64 -21.75
C GLU F 85 56.90 9.02 -22.15
N ILE F 86 55.96 8.78 -21.24
CA ILE F 86 54.56 9.11 -21.45
C ILE F 86 53.96 9.89 -20.25
N ASP F 87 54.82 10.44 -19.41
CA ASP F 87 54.40 11.33 -18.34
C ASP F 87 53.37 12.37 -18.77
N GLY F 88 52.46 12.70 -17.87
CA GLY F 88 51.60 13.85 -18.12
C GLY F 88 50.29 13.53 -18.80
N LYS F 89 50.04 12.25 -19.04
CA LYS F 89 48.70 11.84 -19.44
C LYS F 89 47.81 11.98 -18.23
N ILE F 90 46.52 12.17 -18.46
CA ILE F 90 45.56 12.35 -17.36
C ILE F 90 44.85 11.02 -17.15
N ALA F 91 44.56 10.64 -15.91
CA ALA F 91 43.98 9.32 -15.69
C ALA F 91 43.14 9.24 -14.40
N CYS F 92 42.23 8.27 -14.38
CA CYS F 92 41.33 8.08 -13.25
C CYS F 92 40.98 6.58 -13.18
N ALA F 93 40.31 6.16 -12.12
CA ALA F 93 40.08 4.74 -11.86
C ALA F 93 38.60 4.42 -11.61
N PHE F 94 38.21 3.16 -11.80
CA PHE F 94 36.88 2.71 -11.33
C PHE F 94 36.89 1.24 -10.96
N SER F 95 35.95 0.83 -10.10
CA SER F 95 36.02 -0.52 -9.60
C SER F 95 34.70 -1.00 -9.12
N SER F 96 34.38 -2.26 -9.42
CA SER F 96 33.23 -2.92 -8.82
C SER F 96 33.71 -3.96 -7.82
N SER F 97 33.10 -3.99 -6.63
CA SER F 97 33.38 -5.02 -5.64
C SER F 97 32.14 -5.86 -5.36
N GLY F 98 32.32 -6.87 -4.50
CA GLY F 98 31.24 -7.77 -4.13
C GLY F 98 30.26 -7.14 -3.16
N GLY F 99 30.70 -6.13 -2.43
CA GLY F 99 29.88 -5.54 -1.40
C GLY F 99 30.36 -4.16 -1.03
N TRP F 100 29.48 -3.38 -0.41
CA TRP F 100 29.84 -2.11 0.19
C TRP F 100 30.67 -2.44 1.43
N GLY F 101 31.78 -1.73 1.59
CA GLY F 101 32.78 -2.01 2.63
C GLY F 101 33.77 -3.06 2.17
N GLY F 102 33.68 -3.41 0.89
CA GLY F 102 34.44 -4.51 0.28
C GLY F 102 35.75 -4.08 -0.36
N GLY F 103 36.04 -2.80 -0.32
CA GLY F 103 37.33 -2.31 -0.75
C GLY F 103 37.40 -1.73 -2.14
N ASN F 104 36.28 -1.24 -2.69
CA ASN F 104 36.33 -0.64 -4.02
C ASN F 104 37.13 0.65 -4.11
N GLU F 105 37.09 1.42 -3.03
CA GLU F 105 37.90 2.63 -2.94
C GLU F 105 39.39 2.28 -2.80
N VAL F 106 39.70 1.25 -2.00
CA VAL F 106 41.07 0.79 -1.85
C VAL F 106 41.56 0.27 -3.21
N ALA F 107 40.74 -0.47 -3.93
CA ALA F 107 41.09 -0.92 -5.26
C ALA F 107 41.37 0.24 -6.20
N CYS F 108 40.48 1.25 -6.23
CA CYS F 108 40.71 2.53 -6.88
C CYS F 108 42.03 3.15 -6.48
N SER F 110 44.69 1.66 -5.53
CA SER F 110 45.75 0.83 -6.10
C SER F 110 45.94 1.07 -7.60
N ILE F 111 44.83 1.23 -8.32
CA ILE F 111 44.89 1.71 -9.71
C ILE F 111 45.59 3.12 -9.84
N LEU F 112 45.16 4.09 -9.03
CA LEU F 112 45.76 5.41 -9.03
C LEU F 112 47.27 5.42 -8.70
N THR F 113 47.70 4.49 -7.87
CA THR F 113 49.10 4.32 -7.52
C THR F 113 49.92 3.87 -8.71
N LEU F 115 49.01 4.27 -11.98
CA LEU F 115 49.02 5.36 -12.94
C LEU F 115 49.98 6.45 -12.55
N ASN F 117 52.64 6.13 -11.02
CA ASN F 117 53.98 5.64 -11.20
C ASN F 117 54.54 5.95 -12.59
N PHE F 118 53.64 6.05 -13.57
CA PHE F 118 54.00 6.34 -14.94
C PHE F 118 54.08 7.84 -15.18
N GLY F 119 53.94 8.63 -14.12
CA GLY F 119 53.96 10.08 -14.18
C GLY F 119 52.67 10.74 -14.65
N PHE F 120 51.56 10.00 -14.60
CA PHE F 120 50.26 10.56 -15.00
C PHE F 120 49.69 11.53 -13.95
N LEU F 121 48.87 12.44 -14.41
CA LEU F 121 48.14 13.34 -13.54
C LEU F 121 46.82 12.63 -13.30
N VAL F 122 46.48 12.47 -12.04
CA VAL F 122 45.50 11.49 -11.62
C VAL F 122 44.50 12.23 -10.75
N PHE F 123 43.24 11.86 -10.86
CA PHE F 123 42.21 12.62 -10.17
C PHE F 123 41.02 11.74 -9.72
N GLY F 124 40.25 12.25 -8.78
CA GLY F 124 38.91 11.71 -8.50
C GLY F 124 37.88 12.81 -8.71
N VAL F 125 36.61 12.53 -8.43
CA VAL F 125 35.51 13.46 -8.72
C VAL F 125 34.73 13.89 -7.45
N THR F 126 34.60 15.21 -7.24
CA THR F 126 33.89 15.73 -6.05
C THR F 126 32.35 15.63 -6.18
N ASP F 127 31.85 15.56 -7.40
CA ASP F 127 30.41 15.65 -7.65
C ASP F 127 29.62 14.62 -6.83
N TYR F 128 28.55 15.07 -6.18
CA TYR F 128 27.55 14.16 -5.65
C TYR F 128 26.47 13.95 -6.69
N VAL F 129 26.43 12.74 -7.16
CA VAL F 129 25.58 12.31 -8.21
C VAL F 129 24.26 11.81 -7.58
N GLY F 130 24.28 11.63 -6.25
CA GLY F 130 23.13 11.26 -5.42
C GLY F 130 23.20 11.97 -4.05
N LYS F 131 22.15 11.87 -3.24
CA LYS F 131 22.19 12.46 -1.88
C LYS F 131 23.37 11.94 -1.01
N LYS F 132 23.74 10.68 -1.24
CA LYS F 132 24.75 10.02 -0.44
C LYS F 132 25.62 9.16 -1.36
N PHE F 133 25.88 9.66 -2.56
CA PHE F 133 26.62 8.90 -3.54
C PHE F 133 27.55 9.81 -4.33
N THR F 134 28.85 9.53 -4.21
CA THR F 134 29.88 10.28 -4.91
C THR F 134 30.97 9.34 -5.47
N LEU F 135 32.14 9.87 -5.78
CA LEU F 135 33.16 9.12 -6.53
C LEU F 135 34.52 9.81 -6.36
N HIS F 136 34.87 10.13 -5.11
CA HIS F 136 36.05 10.92 -4.82
C HIS F 136 37.40 10.36 -5.33
N TYR F 137 37.54 9.04 -5.39
CA TYR F 137 38.79 8.34 -5.72
C TYR F 137 38.60 7.54 -7.01
N GLY F 138 37.39 7.62 -7.54
CA GLY F 138 37.00 6.89 -8.74
C GLY F 138 35.57 6.45 -8.61
N ALA F 139 34.97 6.06 -9.71
CA ALA F 139 33.64 5.45 -9.66
C ALA F 139 33.69 4.08 -9.00
N VAL F 140 32.81 3.87 -8.02
CA VAL F 140 32.76 2.60 -7.27
C VAL F 140 31.31 2.14 -7.14
N VAL F 141 31.11 0.83 -7.22
CA VAL F 141 29.78 0.24 -7.21
C VAL F 141 29.93 -1.13 -6.56
N ALA F 142 28.91 -1.61 -5.84
CA ALA F 142 28.91 -3.01 -5.42
C ALA F 142 28.06 -3.78 -6.41
N GLY F 143 28.62 -4.84 -6.99
CA GLY F 143 27.96 -5.52 -8.08
C GLY F 143 27.85 -4.68 -9.34
N GLU F 144 26.72 -4.85 -10.01
CA GLU F 144 26.41 -4.19 -11.27
C GLU F 144 25.87 -2.78 -11.03
N PRO F 145 26.27 -1.79 -11.87
CA PRO F 145 25.65 -0.47 -11.80
C PRO F 145 24.19 -0.53 -12.25
N ARG F 146 23.28 -0.33 -11.30
CA ARG F 146 21.88 -0.64 -11.50
C ARG F 146 20.97 0.52 -11.18
N SER F 147 21.20 1.18 -10.04
CA SER F 147 20.44 2.40 -9.71
C SER F 147 20.88 3.51 -10.64
N GLU F 148 20.08 4.57 -10.72
CA GLU F 148 20.46 5.70 -11.55
C GLU F 148 21.68 6.46 -10.98
N GLU F 149 21.78 6.56 -9.65
CA GLU F 149 23.01 7.01 -8.94
C GLU F 149 24.28 6.36 -9.46
N GLU F 150 24.29 5.02 -9.46
CA GLU F 150 25.45 4.22 -9.89
C GLU F 150 25.78 4.42 -11.37
N LYS F 151 24.75 4.43 -12.19
CA LYS F 151 24.93 4.66 -13.62
C LYS F 151 25.52 6.06 -13.84
N GLU F 152 25.01 7.05 -13.13
CA GLU F 152 25.45 8.42 -13.34
C GLU F 152 26.86 8.69 -12.82
N ALA F 153 27.26 7.96 -11.78
CA ALA F 153 28.60 8.08 -11.23
C ALA F 153 29.66 7.61 -12.20
N CYS F 154 29.35 6.53 -12.92
CA CYS F 154 30.18 6.05 -14.03
C CYS F 154 30.28 7.06 -15.16
N ARG F 155 29.14 7.51 -15.64
CA ARG F 155 29.08 8.50 -16.69
C ARG F 155 29.83 9.77 -16.27
N ARG F 156 29.68 10.19 -15.01
CA ARG F 156 30.34 11.41 -14.54
C ARG F 156 31.87 11.33 -14.52
N LEU F 157 32.41 10.17 -14.16
CA LEU F 157 33.86 9.93 -14.28
C LEU F 157 34.38 10.18 -15.72
N GLY F 158 33.71 9.60 -16.71
CA GLY F 158 34.07 9.79 -18.12
C GLY F 158 33.91 11.23 -18.53
N ARG F 159 32.80 11.85 -18.13
CA ARG F 159 32.58 13.25 -18.38
C ARG F 159 33.72 14.08 -17.86
N ARG F 160 34.06 13.90 -16.58
CA ARG F 160 35.10 14.73 -15.96
C ARG F 160 36.47 14.52 -16.60
N LEU F 161 36.77 13.27 -16.95
CA LEU F 161 37.96 12.90 -17.70
C LEU F 161 38.05 13.68 -18.99
N ALA F 162 36.98 13.64 -19.76
CA ALA F 162 36.94 14.32 -21.03
C ALA F 162 37.09 15.83 -20.85
N GLU F 163 36.45 16.38 -19.82
CA GLU F 163 36.53 17.82 -19.49
C GLU F 163 37.94 18.23 -19.11
N TRP F 164 38.63 17.40 -18.34
CA TRP F 164 40.02 17.71 -18.00
C TRP F 164 40.91 17.67 -19.25
N VAL F 165 40.70 16.67 -20.10
CA VAL F 165 41.38 16.62 -21.40
C VAL F 165 41.06 17.90 -22.23
N ALA F 166 39.79 18.29 -22.30
CA ALA F 166 39.37 19.47 -23.05
C ALA F 166 40.04 20.73 -22.54
N ILE F 167 40.00 20.90 -21.21
CA ILE F 167 40.56 22.08 -20.56
C ILE F 167 42.08 22.14 -20.70
N PHE F 168 42.76 21.08 -20.28
CA PHE F 168 44.23 21.08 -20.14
C PHE F 168 45.04 20.65 -21.34
N VAL F 169 44.53 19.71 -22.12
CA VAL F 169 45.28 19.27 -23.27
C VAL F 169 44.85 20.15 -24.43
N ASP F 170 43.55 20.42 -24.44
CA ASP F 170 42.93 21.01 -25.57
C ASP F 170 42.72 22.51 -25.49
N GLY F 171 42.87 23.09 -24.30
CA GLY F 171 42.85 24.54 -24.16
C GLY F 171 41.46 25.14 -24.12
N ARG F 172 40.43 24.31 -24.01
CA ARG F 172 39.06 24.79 -23.82
C ARG F 172 38.85 25.37 -22.41
N LYS F 173 39.59 26.44 -22.16
CA LYS F 173 39.75 27.09 -20.85
C LYS F 173 38.46 27.52 -20.15
N GLU F 174 37.45 27.86 -20.93
CA GLU F 174 36.19 28.35 -20.38
C GLU F 174 35.38 27.30 -19.66
N LEU F 175 35.69 26.02 -19.88
CA LEU F 175 34.97 24.94 -19.22
C LEU F 175 35.28 24.91 -17.73
N LEU F 176 36.43 25.44 -17.36
CA LEU F 176 36.89 25.38 -15.97
C LEU F 176 35.92 26.04 -14.98
N GLU F 177 35.60 27.33 -15.20
CA GLU F 177 34.66 28.04 -14.33
C GLU F 177 33.27 27.48 -14.43
N LYS F 178 32.90 27.08 -15.64
CA LYS F 178 31.59 26.51 -15.89
C LYS F 178 31.40 25.33 -14.98
N ILE F 179 32.38 24.42 -14.95
CA ILE F 179 32.38 23.24 -14.07
C ILE F 179 32.39 23.64 -12.61
N ARG F 180 33.36 24.46 -12.23
CA ARG F 180 33.52 24.90 -10.85
C ARG F 180 32.26 25.52 -10.24
N LYS F 181 31.54 26.29 -11.04
CA LYS F 181 30.36 26.96 -10.52
C LYS F 181 29.04 26.21 -10.77
N ASP F 182 29.10 25.06 -11.43
CA ASP F 182 27.87 24.33 -11.85
C ASP F 182 27.08 23.75 -10.68
N PRO F 183 25.85 24.25 -10.44
CA PRO F 183 25.09 23.75 -9.28
C PRO F 183 24.59 22.30 -9.41
N ALA F 184 24.52 21.78 -10.63
CA ALA F 184 24.02 20.44 -10.91
C ALA F 184 24.99 19.35 -10.43
N ARG F 185 26.24 19.74 -10.19
CA ARG F 185 27.28 18.82 -9.75
C ARG F 185 27.01 18.24 -8.37
N PHE F 186 26.06 18.82 -7.65
CA PHE F 186 25.70 18.34 -6.30
C PHE F 186 24.17 18.18 -6.13
N VAL F 187 23.68 16.94 -6.28
CA VAL F 187 22.22 16.66 -6.29
C VAL F 187 21.43 17.26 -5.11
#